data_1E8C
#
_entry.id   1E8C
#
_cell.length_a   93.465
_cell.length_b   99.690
_cell.length_c   236.146
_cell.angle_alpha   90.00
_cell.angle_beta   90.00
_cell.angle_gamma   90.00
#
_symmetry.space_group_name_H-M   'C 2 2 21'
#
loop_
_entity.id
_entity.type
_entity.pdbx_description
1 polymer 'UDP-N-ACETYLMURAMOYLALANYL-D-GLUTAMATE--2,6-DIAMINOPIMELATE LIGASE'
2 non-polymer 'CHLORIDE ION'
3 non-polymer "URIDINE-5'-DIPHOSPHATE-N-ACETYLMURAMOYL-L-ALANINE-D-GLUTAMATE"
4 non-polymer '2,6-DIAMINOPIMELIC ACID'
5 water water
#
_entity_poly.entity_id   1
_entity_poly.type   'polypeptide(L)'
_entity_poly.pdbx_seq_one_letter_code
;ADRNLRDLLAPWVPDAPSRALRE(MSE)TLDSRVAAAGDLFVAVVGHQADGRRYIPQAIAQGVAAIIAEAKDEATDGEIR
E(MSE)HGVPVIYLSQLNERLSALAGRFYHEPSDNLRLVGVTGTNGKTTTTQLLAQWSQLLGEISAV(MSE)GTVGNGLL
GKVIPTENTTGSAVDVQHELAGLVDQGATFCA(MSE)EVSSHGLVQHRVAALKFAASVFTNLSRDHLDYHGD(MSE)EHY
EAA(KCX)WLLYSEHHCGQAIINADDEVGRRWLAKLPDAVAVS(MSE)EDHINPNCHGRWLKATEVNYHDSGATIRFSSS
WGDGEIESHL(MSE)GAFNVSNLLLALATLLALGYPLADLLKTAARLQPVCGR(MSE)EVFTAPGKPTVVVDYAHTPDAL
EKALQAARLHCAGKLWCVFGCGGDRDKGKRPL(MSE)GAIAEEFADVAVVTDDNPRTEEPRAIINDILAG(MSE)LDAGH
AKV(MSE)EGRAEAVTCAV(MSE)QAKENDVVLVAGKGHEDYQIVGNQRLDYSDRVTVARLLGVIARSHH
;
_entity_poly.pdbx_strand_id   A,B
#
# COMPACT_ATOMS: atom_id res chain seq x y z
N ARG A 3 -23.53 -0.94 24.53
CA ARG A 3 -24.35 -1.17 23.31
C ARG A 3 -24.35 -2.66 22.95
N ASN A 4 -25.32 -3.09 22.15
CA ASN A 4 -25.43 -4.50 21.78
C ASN A 4 -24.92 -4.80 20.37
N LEU A 5 -24.08 -5.83 20.26
CA LEU A 5 -23.51 -6.26 18.99
C LEU A 5 -24.59 -6.47 17.93
N ARG A 6 -25.66 -7.15 18.33
CA ARG A 6 -26.78 -7.45 17.44
C ARG A 6 -27.33 -6.19 16.79
N ASP A 7 -27.69 -5.22 17.63
CA ASP A 7 -28.27 -3.96 17.17
C ASP A 7 -27.26 -3.11 16.41
N LEU A 8 -26.00 -3.21 16.82
CA LEU A 8 -24.92 -2.45 16.18
C LEU A 8 -24.81 -2.83 14.69
N LEU A 9 -24.85 -4.12 14.42
CA LEU A 9 -24.71 -4.63 13.06
C LEU A 9 -25.99 -4.94 12.28
N ALA A 10 -27.15 -4.76 12.92
CA ALA A 10 -28.43 -5.06 12.26
C ALA A 10 -28.50 -4.61 10.79
N PRO A 11 -27.96 -3.43 10.46
CA PRO A 11 -28.02 -2.96 9.08
C PRO A 11 -27.16 -3.74 8.08
N TRP A 12 -26.32 -4.65 8.56
CA TRP A 12 -25.46 -5.41 7.65
C TRP A 12 -25.38 -6.91 7.93
N VAL A 13 -25.40 -7.28 9.21
CA VAL A 13 -25.32 -8.68 9.61
C VAL A 13 -26.51 -8.99 10.54
N PRO A 14 -27.71 -9.17 9.96
CA PRO A 14 -28.92 -9.45 10.74
C PRO A 14 -28.82 -10.65 11.66
N ASP A 15 -27.86 -11.53 11.40
CA ASP A 15 -27.69 -12.73 12.21
C ASP A 15 -26.69 -12.62 13.36
N ALA A 16 -26.14 -11.42 13.57
CA ALA A 16 -25.17 -11.20 14.64
C ALA A 16 -25.73 -11.57 16.01
N PRO A 17 -24.95 -12.33 16.80
CA PRO A 17 -25.39 -12.74 18.14
C PRO A 17 -25.49 -11.59 19.13
N SER A 18 -26.39 -11.72 20.10
CA SER A 18 -26.56 -10.69 21.10
C SER A 18 -25.40 -10.70 22.09
N ARG A 19 -24.87 -9.50 22.38
CA ARG A 19 -23.78 -9.35 23.32
C ARG A 19 -23.56 -7.88 23.68
N ALA A 20 -23.52 -7.62 24.98
CA ALA A 20 -23.32 -6.27 25.48
C ALA A 20 -21.86 -5.89 25.26
N LEU A 21 -21.65 -4.65 24.83
CA LEU A 21 -20.32 -4.16 24.57
C LEU A 21 -20.09 -2.89 25.39
N ARG A 22 -18.88 -2.70 25.90
CA ARG A 22 -18.59 -1.52 26.70
C ARG A 22 -18.01 -0.38 25.86
N GLU A 23 -16.83 -0.60 25.29
CA GLU A 23 -16.19 0.42 24.46
C GLU A 23 -15.75 -0.20 23.15
N THR A 25 -12.74 -0.17 20.19
CA THR A 25 -11.37 0.25 19.92
C THR A 25 -10.70 -0.50 18.78
N LEU A 26 -9.79 0.19 18.10
CA LEU A 26 -9.02 -0.39 16.99
C LEU A 26 -7.65 -0.87 17.47
N ASP A 27 -7.32 -0.61 18.73
CA ASP A 27 -6.01 -1.00 19.27
C ASP A 27 -6.16 -2.06 20.36
N SER A 28 -5.61 -3.24 20.13
CA SER A 28 -5.71 -4.33 21.10
C SER A 28 -5.07 -3.98 22.44
N ARG A 29 -4.03 -3.16 22.42
CA ARG A 29 -3.31 -2.74 23.63
C ARG A 29 -4.19 -2.02 24.64
N VAL A 30 -5.30 -1.46 24.18
CA VAL A 30 -6.21 -0.75 25.08
C VAL A 30 -7.64 -1.31 25.03
N ALA A 31 -7.77 -2.55 24.58
CA ALA A 31 -9.07 -3.21 24.53
C ALA A 31 -9.20 -3.95 25.86
N ALA A 32 -10.13 -3.50 26.70
CA ALA A 32 -10.34 -4.11 28.00
C ALA A 32 -11.45 -5.16 27.97
N ALA A 33 -11.69 -5.77 29.13
CA ALA A 33 -12.71 -6.79 29.25
C ALA A 33 -14.08 -6.22 28.90
N GLY A 34 -14.80 -6.90 28.00
CA GLY A 34 -16.12 -6.44 27.61
C GLY A 34 -16.16 -5.47 26.44
N ASP A 35 -15.01 -5.08 25.92
CA ASP A 35 -14.98 -4.14 24.80
C ASP A 35 -15.17 -4.85 23.46
N LEU A 36 -15.27 -4.04 22.40
CA LEU A 36 -15.39 -4.56 21.04
C LEU A 36 -14.07 -4.20 20.37
N PHE A 37 -13.30 -5.21 19.94
CA PHE A 37 -12.03 -4.94 19.27
C PHE A 37 -12.26 -5.02 17.76
N VAL A 38 -11.83 -3.98 17.05
CA VAL A 38 -11.97 -3.91 15.60
C VAL A 38 -10.59 -4.12 14.96
N ALA A 39 -10.46 -5.19 14.18
CA ALA A 39 -9.19 -5.55 13.55
C ALA A 39 -9.13 -5.27 12.05
N VAL A 40 -8.33 -4.27 11.68
CA VAL A 40 -8.19 -3.87 10.28
C VAL A 40 -6.75 -3.99 9.78
N VAL A 41 -6.60 -3.94 8.46
CA VAL A 41 -5.28 -4.01 7.84
C VAL A 41 -4.76 -2.58 7.74
N GLY A 42 -3.60 -2.32 8.32
CA GLY A 42 -3.04 -0.98 8.26
C GLY A 42 -1.91 -0.84 7.26
N HIS A 43 -1.17 0.25 7.37
CA HIS A 43 -0.03 0.51 6.49
C HIS A 43 1.20 -0.27 6.92
N GLN A 44 1.27 -0.64 8.18
CA GLN A 44 2.44 -1.37 8.68
C GLN A 44 2.15 -2.77 9.19
N ALA A 45 0.99 -2.96 9.82
CA ALA A 45 0.64 -4.27 10.35
C ALA A 45 -0.80 -4.67 10.09
N ASP A 46 -1.13 -5.90 10.48
CA ASP A 46 -2.47 -6.44 10.32
C ASP A 46 -3.08 -6.61 11.70
N GLY A 47 -4.10 -5.81 11.99
CA GLY A 47 -4.75 -5.89 13.29
C GLY A 47 -5.28 -7.27 13.67
N ARG A 48 -5.64 -8.06 12.67
CA ARG A 48 -6.17 -9.41 12.90
C ARG A 48 -5.20 -10.32 13.64
N ARG A 49 -3.91 -10.05 13.50
CA ARG A 49 -2.88 -10.85 14.15
C ARG A 49 -2.85 -10.62 15.66
N TYR A 50 -3.62 -9.64 16.13
CA TYR A 50 -3.70 -9.33 17.55
C TYR A 50 -5.00 -9.84 18.17
N ILE A 51 -5.81 -10.50 17.34
CA ILE A 51 -7.08 -11.03 17.83
C ILE A 51 -6.88 -11.98 19.01
N PRO A 52 -5.88 -12.88 18.93
CA PRO A 52 -5.64 -13.82 20.04
C PRO A 52 -5.41 -13.08 21.35
N GLN A 53 -4.61 -12.02 21.30
CA GLN A 53 -4.32 -11.22 22.48
C GLN A 53 -5.57 -10.52 22.98
N ALA A 54 -6.37 -9.97 22.06
CA ALA A 54 -7.59 -9.27 22.46
C ALA A 54 -8.52 -10.24 23.19
N ILE A 55 -8.67 -11.44 22.66
CA ILE A 55 -9.53 -12.43 23.30
C ILE A 55 -8.97 -12.81 24.67
N ALA A 56 -7.65 -12.97 24.75
CA ALA A 56 -7.02 -13.33 26.01
C ALA A 56 -7.26 -12.21 27.02
N GLN A 57 -7.46 -10.98 26.53
CA GLN A 57 -7.71 -9.83 27.39
C GLN A 57 -9.16 -9.73 27.85
N GLY A 58 -10.02 -10.56 27.26
CA GLY A 58 -11.42 -10.58 27.65
C GLY A 58 -12.40 -9.72 26.86
N VAL A 59 -12.05 -9.32 25.63
CA VAL A 59 -13.00 -8.52 24.86
C VAL A 59 -14.28 -9.32 24.68
N ALA A 60 -15.38 -8.62 24.46
CA ALA A 60 -16.68 -9.26 24.30
C ALA A 60 -16.94 -9.75 22.87
N ALA A 61 -16.40 -9.01 21.91
CA ALA A 61 -16.61 -9.34 20.50
C ALA A 61 -15.52 -8.74 19.63
N ILE A 62 -15.48 -9.22 18.40
CA ILE A 62 -14.51 -8.75 17.42
C ILE A 62 -15.13 -8.59 16.04
N ILE A 63 -14.78 -7.50 15.38
CA ILE A 63 -15.22 -7.26 14.02
C ILE A 63 -13.89 -7.19 13.26
N ALA A 64 -13.73 -8.04 12.27
CA ALA A 64 -12.49 -8.11 11.52
C ALA A 64 -12.65 -8.00 10.01
N GLU A 65 -11.60 -7.50 9.36
CA GLU A 65 -11.56 -7.37 7.92
C GLU A 65 -11.68 -8.77 7.32
N ALA A 66 -12.49 -8.89 6.28
CA ALA A 66 -12.74 -10.17 5.64
C ALA A 66 -11.71 -10.58 4.58
N LYS A 67 -10.99 -9.61 4.05
CA LYS A 67 -10.01 -9.86 2.98
C LYS A 67 -9.15 -11.11 3.15
N ASP A 68 -9.15 -11.95 2.12
CA ASP A 68 -8.37 -13.19 2.09
C ASP A 68 -8.71 -14.21 3.18
N GLU A 69 -9.72 -13.92 4.00
CA GLU A 69 -10.04 -14.83 5.09
C GLU A 69 -11.47 -15.33 5.20
N ALA A 70 -12.43 -14.50 4.83
CA ALA A 70 -13.82 -14.92 4.95
C ALA A 70 -14.75 -14.11 4.06
N THR A 71 -16.00 -14.56 3.98
CA THR A 71 -17.01 -13.86 3.18
C THR A 71 -17.57 -12.69 3.99
N ASP A 72 -18.00 -11.64 3.30
CA ASP A 72 -18.54 -10.47 3.97
C ASP A 72 -19.73 -10.85 4.84
N GLY A 73 -19.66 -10.49 6.12
CA GLY A 73 -20.76 -10.81 7.02
C GLY A 73 -20.63 -12.18 7.66
N GLU A 74 -19.51 -12.87 7.45
CA GLU A 74 -19.36 -14.20 8.03
C GLU A 74 -19.24 -14.11 9.55
N ILE A 75 -19.90 -15.04 10.23
CA ILE A 75 -19.89 -15.09 11.68
C ILE A 75 -19.18 -16.34 12.17
N ARG A 76 -18.17 -16.15 13.01
CA ARG A 76 -17.41 -17.24 13.58
C ARG A 76 -17.31 -17.04 15.08
N GLU A 77 -16.74 -18.01 15.77
CA GLU A 77 -16.59 -17.95 17.21
C GLU A 77 -15.21 -18.46 17.59
N HIS A 79 -12.94 -19.18 21.11
CA HIS A 79 -12.89 -19.22 22.56
C HIS A 79 -14.12 -18.55 23.15
N GLY A 80 -15.28 -18.85 22.58
CA GLY A 80 -16.53 -18.28 23.05
C GLY A 80 -16.82 -16.86 22.61
N VAL A 81 -15.86 -16.21 21.95
CA VAL A 81 -16.02 -14.84 21.50
C VAL A 81 -16.43 -14.70 20.04
N PRO A 82 -17.55 -14.00 19.77
CA PRO A 82 -18.05 -13.80 18.40
C PRO A 82 -17.07 -12.98 17.57
N VAL A 83 -16.79 -13.46 16.35
CA VAL A 83 -15.90 -12.76 15.44
C VAL A 83 -16.66 -12.59 14.13
N ILE A 84 -16.97 -11.35 13.79
CA ILE A 84 -17.71 -11.00 12.58
C ILE A 84 -16.79 -10.36 11.55
N TYR A 85 -16.77 -10.92 10.34
CA TYR A 85 -15.93 -10.43 9.26
C TYR A 85 -16.70 -9.52 8.31
N LEU A 86 -16.12 -8.37 7.99
CA LEU A 86 -16.75 -7.43 7.07
C LEU A 86 -15.76 -7.00 6.00
N SER A 87 -16.23 -6.86 4.76
CA SER A 87 -15.35 -6.45 3.67
C SER A 87 -15.24 -4.92 3.65
N GLN A 88 -14.12 -4.41 3.16
CA GLN A 88 -13.88 -2.97 3.07
C GLN A 88 -14.16 -2.32 4.42
N LEU A 89 -13.66 -2.96 5.49
CA LEU A 89 -13.89 -2.46 6.83
C LEU A 89 -13.39 -1.04 7.07
N ASN A 90 -12.20 -0.69 6.56
CA ASN A 90 -11.68 0.66 6.78
C ASN A 90 -12.64 1.76 6.32
N GLU A 91 -13.32 1.53 5.21
CA GLU A 91 -14.28 2.51 4.68
C GLU A 91 -15.64 2.59 5.50
N ARG A 92 -15.91 1.62 6.42
CA ARG A 92 -17.19 1.50 7.21
C ARG A 92 -17.05 1.67 8.71
N LEU A 93 -15.83 2.04 9.05
CA LEU A 93 -15.37 2.30 10.40
C LEU A 93 -16.09 3.49 10.99
N SER A 94 -16.05 4.63 10.31
CA SER A 94 -16.72 5.82 10.81
C SER A 94 -18.21 5.57 11.02
N ALA A 95 -18.86 4.95 10.03
CA ALA A 95 -20.29 4.66 10.13
C ALA A 95 -20.56 3.71 11.30
N LEU A 96 -19.75 2.67 11.42
CA LEU A 96 -19.90 1.70 12.50
C LEU A 96 -19.74 2.38 13.86
N ALA A 97 -18.69 3.18 14.01
CA ALA A 97 -18.45 3.89 15.26
C ALA A 97 -19.57 4.87 15.54
N GLY A 98 -20.14 5.44 14.48
CA GLY A 98 -21.24 6.38 14.65
C GLY A 98 -22.46 5.71 15.27
N ARG A 99 -22.80 4.52 14.78
CA ARG A 99 -23.95 3.80 15.32
C ARG A 99 -23.63 3.38 16.75
N PHE A 100 -22.40 2.97 16.98
CA PHE A 100 -21.98 2.55 18.30
C PHE A 100 -22.16 3.64 19.35
N TYR A 101 -21.71 4.86 19.02
CA TYR A 101 -21.77 5.98 19.95
C TYR A 101 -22.99 6.89 19.77
N HIS A 102 -23.99 6.41 19.05
CA HIS A 102 -25.23 7.13 18.80
C HIS A 102 -25.14 8.49 18.14
N GLU A 103 -24.51 8.52 16.95
CA GLU A 103 -24.37 9.71 16.13
C GLU A 103 -24.12 11.02 16.88
N PRO A 104 -22.95 11.13 17.51
CA PRO A 104 -22.49 12.29 18.31
C PRO A 104 -22.51 13.62 17.56
N SER A 105 -22.18 13.60 16.27
CA SER A 105 -22.14 14.84 15.52
C SER A 105 -23.51 15.48 15.32
N ASP A 106 -24.57 14.80 15.76
CA ASP A 106 -25.91 15.37 15.65
C ASP A 106 -26.24 16.11 16.94
N ASN A 107 -25.41 15.93 17.97
CA ASN A 107 -25.66 16.58 19.25
C ASN A 107 -24.76 17.74 19.62
N LEU A 108 -24.15 18.32 18.60
CA LEU A 108 -23.31 19.48 18.75
C LEU A 108 -23.07 19.98 17.33
N ARG A 109 -22.73 21.26 17.17
CA ARG A 109 -22.47 21.78 15.85
C ARG A 109 -21.00 21.53 15.57
N LEU A 110 -20.74 20.71 14.57
CA LEU A 110 -19.38 20.33 14.21
C LEU A 110 -18.89 21.04 12.96
N VAL A 111 -17.75 21.71 13.09
CA VAL A 111 -17.14 22.42 11.97
C VAL A 111 -15.78 21.80 11.67
N GLY A 112 -15.60 21.40 10.41
CA GLY A 112 -14.34 20.80 10.00
C GLY A 112 -13.53 21.83 9.21
N VAL A 113 -12.23 21.84 9.44
CA VAL A 113 -11.35 22.78 8.75
C VAL A 113 -10.21 22.02 8.11
N THR A 114 -10.03 22.20 6.81
CA THR A 114 -8.95 21.54 6.09
C THR A 114 -8.16 22.62 5.35
N GLY A 115 -6.94 22.29 4.95
CA GLY A 115 -6.10 23.24 4.25
C GLY A 115 -4.66 22.99 4.64
N THR A 116 -3.72 23.44 3.81
CA THR A 116 -2.31 23.21 4.10
C THR A 116 -1.86 23.90 5.38
N ASN A 117 -2.18 25.19 5.50
CA ASN A 117 -1.79 25.96 6.68
C ASN A 117 -2.96 26.63 7.37
N GLY A 118 -2.85 26.78 8.69
CA GLY A 118 -3.87 27.45 9.46
C GLY A 118 -5.05 26.66 10.01
N LYS A 119 -5.03 25.34 9.91
CA LYS A 119 -6.19 24.59 10.45
C LYS A 119 -6.29 24.79 11.96
N THR A 120 -5.15 24.77 12.65
CA THR A 120 -5.15 24.91 14.11
C THR A 120 -5.64 26.27 14.58
N THR A 121 -5.06 27.33 14.05
CA THR A 121 -5.49 28.67 14.45
C THR A 121 -6.97 28.89 14.12
N THR A 122 -7.39 28.48 12.94
CA THR A 122 -8.78 28.66 12.55
C THR A 122 -9.74 27.86 13.43
N THR A 123 -9.41 26.62 13.78
CA THR A 123 -10.30 25.85 14.65
C THR A 123 -10.32 26.44 16.06
N GLN A 124 -9.18 26.90 16.55
CA GLN A 124 -9.13 27.49 17.89
C GLN A 124 -9.95 28.78 17.94
N LEU A 125 -9.87 29.60 16.89
CA LEU A 125 -10.62 30.85 16.84
C LEU A 125 -12.12 30.58 16.83
N LEU A 126 -12.53 29.57 16.07
CA LEU A 126 -13.93 29.19 15.99
C LEU A 126 -14.44 28.75 17.36
N ALA A 127 -13.63 27.96 18.06
CA ALA A 127 -14.01 27.46 19.38
C ALA A 127 -14.10 28.61 20.40
N GLN A 128 -13.09 29.48 20.40
CA GLN A 128 -13.07 30.61 21.31
C GLN A 128 -14.27 31.52 21.08
N TRP A 129 -14.41 31.99 19.85
CA TRP A 129 -15.51 32.89 19.50
C TRP A 129 -16.89 32.33 19.86
N SER A 130 -17.18 31.12 19.37
CA SER A 130 -18.47 30.49 19.64
C SER A 130 -18.79 30.45 21.14
N GLN A 131 -17.78 30.18 21.95
CA GLN A 131 -17.98 30.13 23.39
C GLN A 131 -18.37 31.50 23.92
N LEU A 132 -17.74 32.54 23.41
CA LEU A 132 -18.03 33.91 23.83
C LEU A 132 -19.44 34.27 23.39
N LEU A 133 -20.00 33.47 22.48
CA LEU A 133 -21.35 33.69 21.97
C LEU A 133 -22.38 32.77 22.61
N GLY A 134 -22.05 32.21 23.78
CA GLY A 134 -22.99 31.35 24.47
C GLY A 134 -22.90 29.84 24.27
N GLU A 135 -21.86 29.36 23.59
CA GLU A 135 -21.70 27.93 23.38
C GLU A 135 -20.68 27.39 24.39
N ILE A 136 -20.67 26.07 24.55
CA ILE A 136 -19.70 25.39 25.42
C ILE A 136 -18.91 24.70 24.31
N SER A 137 -17.73 25.23 24.02
CA SER A 137 -16.92 24.73 22.91
C SER A 137 -15.76 23.77 23.17
N ALA A 138 -15.42 23.05 22.10
CA ALA A 138 -14.34 22.07 22.14
C ALA A 138 -13.54 22.16 20.84
N VAL A 139 -12.34 21.57 20.87
CA VAL A 139 -11.49 21.53 19.69
C VAL A 139 -10.89 20.14 19.56
N GLY A 141 -7.54 18.62 17.21
CA GLY A 141 -6.52 18.97 16.23
C GLY A 141 -5.11 18.69 16.69
N THR A 142 -4.15 19.33 16.03
CA THR A 142 -2.73 19.14 16.32
C THR A 142 -2.32 19.50 17.74
N VAL A 143 -2.93 20.53 18.31
CA VAL A 143 -2.60 20.98 19.66
C VAL A 143 -3.38 20.20 20.73
N GLY A 144 -4.21 19.24 20.31
CA GLY A 144 -4.95 18.46 21.28
C GLY A 144 -6.45 18.41 21.10
N ASN A 145 -7.10 17.53 21.87
CA ASN A 145 -8.54 17.36 21.82
C ASN A 145 -9.16 17.58 23.20
N GLY A 146 -10.33 18.23 23.23
CA GLY A 146 -11.02 18.47 24.47
C GLY A 146 -11.73 19.81 24.53
N LEU A 147 -12.42 20.07 25.65
CA LEU A 147 -13.11 21.33 25.84
C LEU A 147 -12.02 22.39 25.94
N LEU A 148 -12.35 23.62 25.56
CA LEU A 148 -11.38 24.70 25.64
C LEU A 148 -10.86 24.79 27.07
N GLY A 149 -9.55 24.92 27.22
CA GLY A 149 -8.96 25.01 28.54
C GLY A 149 -8.73 23.66 29.19
N LYS A 150 -9.17 22.59 28.52
CA LYS A 150 -9.00 21.25 29.05
C LYS A 150 -8.57 20.29 27.94
N VAL A 151 -7.64 20.73 27.10
CA VAL A 151 -7.20 19.89 25.99
C VAL A 151 -6.16 18.86 26.38
N ILE A 152 -6.30 17.67 25.79
CA ILE A 152 -5.37 16.56 26.02
C ILE A 152 -4.54 16.40 24.75
N PRO A 153 -3.20 16.52 24.85
CA PRO A 153 -2.32 16.38 23.69
C PRO A 153 -2.56 15.12 22.87
N THR A 154 -2.38 15.25 21.56
CA THR A 154 -2.60 14.15 20.63
C THR A 154 -1.39 13.85 19.73
N GLU A 155 -1.33 12.62 19.22
CA GLU A 155 -0.24 12.19 18.36
C GLU A 155 -0.53 12.54 16.89
N ASN A 156 -1.82 12.58 16.55
CA ASN A 156 -2.26 12.88 15.19
C ASN A 156 -3.10 14.15 15.11
N THR A 157 -3.18 14.72 13.91
CA THR A 157 -3.99 15.91 13.68
C THR A 157 -5.45 15.47 13.66
N THR A 158 -5.72 14.37 12.95
CA THR A 158 -7.06 13.81 12.86
C THR A 158 -6.99 12.37 13.36
N GLY A 159 -7.78 12.05 14.37
CA GLY A 159 -7.77 10.70 14.94
C GLY A 159 -8.38 9.63 14.05
N SER A 160 -8.27 8.37 14.49
CA SER A 160 -8.82 7.25 13.73
C SER A 160 -10.33 7.39 13.67
N ALA A 161 -10.93 6.71 12.71
CA ALA A 161 -12.38 6.77 12.52
C ALA A 161 -13.15 6.42 13.80
N VAL A 162 -12.63 5.48 14.58
CA VAL A 162 -13.30 5.11 15.82
C VAL A 162 -13.02 6.10 16.95
N ASP A 163 -11.77 6.53 17.08
CA ASP A 163 -11.41 7.48 18.12
C ASP A 163 -12.14 8.81 17.97
N VAL A 164 -12.37 9.24 16.74
CA VAL A 164 -13.08 10.50 16.50
C VAL A 164 -14.50 10.43 17.03
N GLN A 165 -15.24 9.39 16.66
CA GLN A 165 -16.62 9.23 17.13
C GLN A 165 -16.67 9.09 18.66
N HIS A 166 -15.77 8.31 19.22
CA HIS A 166 -15.71 8.11 20.66
C HIS A 166 -15.44 9.44 21.38
N GLU A 167 -14.56 10.26 20.81
CA GLU A 167 -14.20 11.54 21.42
C GLU A 167 -15.31 12.57 21.34
N LEU A 168 -16.09 12.52 20.27
CA LEU A 168 -17.18 13.45 20.13
C LEU A 168 -18.27 13.06 21.14
N ALA A 169 -18.51 11.76 21.27
CA ALA A 169 -19.52 11.27 22.22
C ALA A 169 -19.10 11.71 23.62
N GLY A 170 -17.80 11.63 23.89
CA GLY A 170 -17.29 12.03 25.20
C GLY A 170 -17.48 13.52 25.43
N LEU A 171 -17.20 14.32 24.41
CA LEU A 171 -17.35 15.78 24.52
C LEU A 171 -18.82 16.14 24.74
N VAL A 172 -19.71 15.45 24.04
CA VAL A 172 -21.15 15.68 24.15
C VAL A 172 -21.60 15.40 25.59
N ASP A 173 -21.12 14.31 26.18
CA ASP A 173 -21.48 13.97 27.55
C ASP A 173 -20.97 15.04 28.53
N GLN A 174 -19.85 15.67 28.21
CA GLN A 174 -19.29 16.72 29.06
C GLN A 174 -20.00 18.05 28.87
N GLY A 175 -21.00 18.07 28.00
CA GLY A 175 -21.76 19.30 27.78
C GLY A 175 -21.39 20.15 26.58
N ALA A 176 -20.44 19.69 25.76
CA ALA A 176 -20.03 20.46 24.58
C ALA A 176 -21.19 20.61 23.59
N THR A 177 -21.32 21.80 23.01
CA THR A 177 -22.39 22.04 22.05
C THR A 177 -21.83 22.50 20.71
N PHE A 178 -20.53 22.74 20.69
CA PHE A 178 -19.83 23.20 19.49
C PHE A 178 -18.42 22.60 19.48
N CYS A 179 -17.95 22.19 18.31
CA CYS A 179 -16.60 21.62 18.20
C CYS A 179 -16.02 21.94 16.83
N ALA A 180 -14.81 22.47 16.83
CA ALA A 180 -14.08 22.79 15.60
C ALA A 180 -12.98 21.74 15.52
N GLU A 182 -9.86 19.74 13.12
CA GLU A 182 -8.94 19.82 11.98
C GLU A 182 -9.14 18.54 11.18
N VAL A 183 -9.34 18.69 9.87
CA VAL A 183 -9.52 17.53 9.00
C VAL A 183 -8.34 17.51 8.04
N SER A 184 -7.43 16.55 8.23
CA SER A 184 -6.26 16.45 7.37
C SER A 184 -6.53 15.72 6.07
N SER A 185 -5.72 15.99 5.05
CA SER A 185 -5.85 15.34 3.76
C SER A 185 -5.65 13.84 3.98
N HIS A 186 -4.74 13.48 4.89
CA HIS A 186 -4.50 12.06 5.19
C HIS A 186 -5.82 11.48 5.72
N GLY A 187 -6.41 12.18 6.68
CA GLY A 187 -7.65 11.73 7.28
C GLY A 187 -8.76 11.52 6.27
N LEU A 188 -8.89 12.43 5.32
CA LEU A 188 -9.93 12.32 4.30
C LEU A 188 -9.74 11.07 3.43
N VAL A 189 -8.54 10.89 2.93
CA VAL A 189 -8.24 9.75 2.08
C VAL A 189 -8.45 8.43 2.81
N GLN A 190 -8.10 8.40 4.09
CA GLN A 190 -8.23 7.18 4.90
C GLN A 190 -9.60 6.98 5.56
N HIS A 191 -10.59 7.76 5.16
CA HIS A 191 -11.97 7.65 5.68
C HIS A 191 -12.15 7.91 7.19
N ARG A 192 -11.24 8.68 7.78
CA ARG A 192 -11.31 8.95 9.22
C ARG A 192 -12.54 9.73 9.70
N VAL A 193 -13.12 10.57 8.84
CA VAL A 193 -14.31 11.33 9.24
C VAL A 193 -15.48 11.06 8.28
N ALA A 194 -15.45 9.91 7.61
CA ALA A 194 -16.45 9.53 6.60
C ALA A 194 -17.92 9.71 6.92
N ALA A 195 -18.34 9.35 8.13
CA ALA A 195 -19.76 9.45 8.49
C ALA A 195 -20.14 10.62 9.39
N LEU A 196 -19.23 11.57 9.61
CA LEU A 196 -19.55 12.73 10.46
C LEU A 196 -20.48 13.69 9.76
N LYS A 197 -21.33 14.37 10.53
CA LYS A 197 -22.24 15.36 9.97
C LYS A 197 -21.73 16.74 10.34
N PHE A 198 -21.09 17.40 9.39
CA PHE A 198 -20.54 18.73 9.62
C PHE A 198 -21.57 19.83 9.40
N ALA A 199 -21.57 20.83 10.29
CA ALA A 199 -22.47 21.96 10.15
C ALA A 199 -21.84 22.87 9.09
N ALA A 200 -20.50 22.85 9.01
CA ALA A 200 -19.77 23.64 8.03
C ALA A 200 -18.36 23.07 7.78
N SER A 201 -17.85 23.32 6.58
CA SER A 201 -16.52 22.84 6.16
C SER A 201 -15.72 24.01 5.58
N VAL A 202 -14.60 24.31 6.22
CA VAL A 202 -13.75 25.42 5.85
C VAL A 202 -12.47 25.02 5.12
N PHE A 203 -12.15 25.74 4.06
CA PHE A 203 -10.92 25.50 3.28
C PHE A 203 -10.04 26.73 3.44
N THR A 204 -8.86 26.55 4.03
CA THR A 204 -7.96 27.67 4.26
C THR A 204 -7.03 28.01 3.10
N ASN A 205 -6.40 26.99 2.52
CA ASN A 205 -5.46 27.21 1.42
C ASN A 205 -4.81 25.88 1.02
N LEU A 206 -4.07 25.91 -0.09
CA LEU A 206 -3.35 24.73 -0.55
C LEU A 206 -2.01 25.14 -1.13
N SER A 207 -0.93 24.58 -0.58
CA SER A 207 0.42 24.87 -1.07
C SER A 207 1.24 23.60 -0.94
N ARG A 208 2.48 23.65 -1.42
CA ARG A 208 3.36 22.51 -1.33
C ARG A 208 3.57 21.94 0.03
N ASP A 209 3.37 20.63 0.14
CA ASP A 209 3.53 19.87 1.38
C ASP A 209 2.88 18.50 1.21
N HIS A 210 3.33 17.54 2.01
CA HIS A 210 2.79 16.18 1.99
C HIS A 210 2.88 15.40 0.68
N LEU A 211 3.76 15.82 -0.23
CA LEU A 211 3.87 15.11 -1.50
C LEU A 211 4.57 13.77 -1.32
N ASP A 212 5.12 13.54 -0.14
CA ASP A 212 5.76 12.26 0.13
C ASP A 212 4.62 11.24 0.29
N TYR A 213 3.44 11.75 0.61
CA TYR A 213 2.26 10.91 0.80
C TYR A 213 1.36 10.92 -0.44
N HIS A 214 1.04 12.11 -0.92
CA HIS A 214 0.16 12.23 -2.08
C HIS A 214 0.81 12.11 -3.45
N GLY A 215 2.13 12.33 -3.53
CA GLY A 215 2.80 12.20 -4.81
C GLY A 215 2.96 13.51 -5.56
N ASP A 216 1.84 14.15 -5.88
CA ASP A 216 1.87 15.43 -6.58
C ASP A 216 0.70 16.30 -6.14
N GLU A 218 -1.79 17.51 -7.78
CA GLU A 218 -3.09 17.11 -8.30
C GLU A 218 -3.79 16.14 -7.36
N HIS A 219 -3.06 15.14 -6.87
CA HIS A 219 -3.64 14.17 -5.95
C HIS A 219 -3.91 14.78 -4.58
N TYR A 220 -3.05 15.71 -4.17
CA TYR A 220 -3.20 16.38 -2.89
C TYR A 220 -4.49 17.19 -2.90
N GLU A 221 -4.73 17.90 -4.00
CA GLU A 221 -5.96 18.69 -4.13
C GLU A 221 -7.18 17.77 -4.14
N ALA A 222 -7.10 16.67 -4.87
CA ALA A 222 -8.20 15.70 -4.95
C ALA A 222 -8.56 15.14 -3.56
N ALA A 223 -7.56 14.97 -2.72
CA ALA A 223 -7.79 14.44 -1.37
C ALA A 223 -8.60 15.42 -0.52
N TRP A 225 -10.51 17.78 -1.69
CA TRP A 225 -11.79 17.94 -2.37
C TRP A 225 -12.80 16.93 -1.86
N LEU A 226 -12.32 15.78 -1.37
CA LEU A 226 -13.18 14.74 -0.84
C LEU A 226 -14.13 15.26 0.25
N LEU A 227 -13.68 16.23 1.03
CA LEU A 227 -14.51 16.79 2.08
C LEU A 227 -15.83 17.36 1.54
N TYR A 228 -15.75 17.99 0.37
CA TYR A 228 -16.92 18.60 -0.25
C TYR A 228 -17.69 17.69 -1.19
N SER A 229 -17.03 16.67 -1.72
CA SER A 229 -17.70 15.77 -2.65
C SER A 229 -18.20 14.47 -2.05
N GLU A 230 -17.48 13.95 -1.06
CA GLU A 230 -17.84 12.67 -0.45
C GLU A 230 -18.33 12.67 1.01
N HIS A 231 -18.43 13.85 1.63
CA HIS A 231 -18.87 13.92 3.01
C HIS A 231 -20.08 14.83 3.22
N HIS A 232 -20.74 14.69 4.37
CA HIS A 232 -21.87 15.56 4.71
C HIS A 232 -21.14 16.80 5.22
N CYS A 233 -20.72 17.64 4.28
CA CYS A 233 -19.95 18.85 4.60
C CYS A 233 -20.71 20.07 5.12
N GLY A 234 -22.03 20.10 4.91
CA GLY A 234 -22.79 21.24 5.38
C GLY A 234 -22.43 22.48 4.57
N GLN A 235 -22.38 23.64 5.22
CA GLN A 235 -22.06 24.87 4.52
C GLN A 235 -20.56 25.04 4.21
N ALA A 236 -20.27 25.38 2.96
CA ALA A 236 -18.90 25.54 2.53
C ALA A 236 -18.37 26.98 2.68
N ILE A 237 -17.22 27.11 3.34
CA ILE A 237 -16.56 28.40 3.56
C ILE A 237 -15.20 28.26 2.87
N ILE A 238 -14.99 29.01 1.80
CA ILE A 238 -13.76 28.91 1.01
C ILE A 238 -12.92 30.17 0.87
N ASN A 239 -11.62 30.02 1.09
CA ASN A 239 -10.70 31.14 0.98
C ASN A 239 -10.53 31.43 -0.51
N ALA A 240 -11.05 32.57 -0.97
CA ALA A 240 -10.96 32.94 -2.38
C ALA A 240 -9.62 33.52 -2.82
N ASP A 241 -8.68 33.66 -1.90
CA ASP A 241 -7.37 34.21 -2.27
C ASP A 241 -6.47 33.11 -2.82
N ASP A 242 -6.90 31.86 -2.64
CA ASP A 242 -6.17 30.69 -3.12
C ASP A 242 -6.68 30.31 -4.50
N GLU A 243 -5.78 30.11 -5.46
CA GLU A 243 -6.20 29.74 -6.81
C GLU A 243 -7.11 28.51 -6.78
N VAL A 244 -6.78 27.55 -5.92
CA VAL A 244 -7.60 26.34 -5.78
C VAL A 244 -8.99 26.69 -5.25
N GLY A 245 -9.03 27.58 -4.25
CA GLY A 245 -10.30 27.99 -3.68
C GLY A 245 -11.23 28.62 -4.71
N ARG A 246 -10.64 29.40 -5.63
CA ARG A 246 -11.43 30.05 -6.68
C ARG A 246 -12.05 29.00 -7.58
N ARG A 247 -11.27 28.02 -8.01
CA ARG A 247 -11.82 26.97 -8.86
C ARG A 247 -12.92 26.18 -8.14
N TRP A 248 -12.75 25.98 -6.83
CA TRP A 248 -13.75 25.24 -6.06
C TRP A 248 -15.04 26.03 -5.88
N LEU A 249 -14.91 27.34 -5.71
CA LEU A 249 -16.08 28.19 -5.55
C LEU A 249 -16.94 28.13 -6.82
N ALA A 250 -16.30 27.84 -7.96
CA ALA A 250 -17.03 27.74 -9.21
C ALA A 250 -17.86 26.46 -9.26
N LYS A 251 -17.55 25.51 -8.36
CA LYS A 251 -18.28 24.24 -8.29
C LYS A 251 -19.28 24.22 -7.14
N LEU A 252 -19.21 25.22 -6.27
CA LEU A 252 -20.11 25.28 -5.12
C LEU A 252 -20.86 26.61 -5.07
N PRO A 253 -22.02 26.68 -5.76
CA PRO A 253 -22.86 27.88 -5.82
C PRO A 253 -23.32 28.46 -4.47
N ASP A 254 -23.59 27.59 -3.50
CA ASP A 254 -24.06 28.06 -2.20
C ASP A 254 -22.95 28.31 -1.17
N ALA A 255 -21.70 28.27 -1.61
CA ALA A 255 -20.57 28.48 -0.71
C ALA A 255 -20.34 29.95 -0.35
N VAL A 256 -19.62 30.18 0.75
CA VAL A 256 -19.28 31.53 1.16
C VAL A 256 -17.82 31.78 0.76
N ALA A 257 -17.60 32.86 0.02
CA ALA A 257 -16.26 33.21 -0.43
C ALA A 257 -15.66 34.23 0.52
N VAL A 258 -14.41 34.00 0.92
CA VAL A 258 -13.74 34.90 1.85
C VAL A 258 -12.44 35.37 1.20
N SER A 259 -12.19 36.67 1.24
CA SER A 259 -10.99 37.21 0.64
C SER A 259 -10.37 38.34 1.43
N GLU A 261 -7.37 39.68 -0.25
CA GLU A 261 -6.61 40.30 -1.34
C GLU A 261 -7.48 40.67 -2.54
N ASP A 262 -8.68 41.16 -2.28
CA ASP A 262 -9.60 41.59 -3.32
C ASP A 262 -9.93 40.55 -4.38
N HIS A 263 -10.33 39.36 -3.96
CA HIS A 263 -10.68 38.30 -4.90
C HIS A 263 -12.16 37.97 -4.90
N ILE A 264 -12.94 38.74 -4.15
CA ILE A 264 -14.38 38.52 -4.10
C ILE A 264 -15.02 39.08 -5.37
N ASN A 265 -15.94 38.31 -5.95
CA ASN A 265 -16.66 38.71 -7.14
C ASN A 265 -18.14 38.64 -6.76
N PRO A 266 -18.73 39.76 -6.36
CA PRO A 266 -20.14 39.80 -5.96
C PRO A 266 -21.12 39.28 -7.01
N ASN A 267 -20.69 39.22 -8.26
CA ASN A 267 -21.55 38.73 -9.34
C ASN A 267 -21.57 37.21 -9.44
N CYS A 268 -20.55 36.56 -8.89
CA CYS A 268 -20.46 35.11 -8.95
C CYS A 268 -20.50 34.41 -7.59
N HIS A 269 -20.08 35.12 -6.54
CA HIS A 269 -20.10 34.54 -5.20
C HIS A 269 -21.42 34.92 -4.53
N GLY A 270 -22.25 33.92 -4.23
CA GLY A 270 -23.54 34.18 -3.60
C GLY A 270 -23.47 34.90 -2.27
N ARG A 271 -22.56 34.44 -1.41
CA ARG A 271 -22.34 35.03 -0.10
C ARG A 271 -20.84 35.20 0.01
N TRP A 272 -20.42 36.31 0.61
CA TRP A 272 -18.99 36.59 0.70
C TRP A 272 -18.65 37.47 1.90
N LEU A 273 -17.36 37.58 2.16
CA LEU A 273 -16.84 38.39 3.24
C LEU A 273 -15.44 38.80 2.79
N LYS A 274 -15.14 40.09 2.85
CA LYS A 274 -13.83 40.54 2.44
C LYS A 274 -13.30 41.72 3.24
N ALA A 275 -11.99 41.70 3.47
CA ALA A 275 -11.33 42.75 4.20
C ALA A 275 -11.14 43.89 3.21
N THR A 276 -11.51 45.10 3.63
CA THR A 276 -11.37 46.27 2.79
C THR A 276 -10.16 47.10 3.20
N GLU A 277 -9.84 47.06 4.49
CA GLU A 277 -8.69 47.79 5.03
C GLU A 277 -8.10 47.04 6.20
N VAL A 278 -6.77 46.92 6.22
CA VAL A 278 -6.08 46.24 7.30
C VAL A 278 -4.85 47.03 7.74
N ASN A 279 -4.80 47.38 9.02
CA ASN A 279 -3.67 48.12 9.55
C ASN A 279 -2.98 47.28 10.60
N TYR A 280 -1.68 47.03 10.42
CA TYR A 280 -0.93 46.22 11.37
C TYR A 280 -0.11 47.07 12.35
N HIS A 281 -0.08 46.66 13.61
CA HIS A 281 0.68 47.37 14.63
C HIS A 281 1.25 46.42 15.68
N ASP A 282 1.02 46.74 16.95
CA ASP A 282 1.54 45.94 18.07
C ASP A 282 1.10 44.47 18.02
N SER A 283 1.82 43.69 17.22
CA SER A 283 1.54 42.27 17.04
C SER A 283 0.05 41.96 16.91
N GLY A 284 -0.69 42.94 16.37
CA GLY A 284 -2.12 42.80 16.18
C GLY A 284 -2.53 43.54 14.92
N ALA A 285 -3.82 43.71 14.69
CA ALA A 285 -4.28 44.41 13.51
C ALA A 285 -5.72 44.89 13.57
N THR A 286 -5.97 45.99 12.88
CA THR A 286 -7.31 46.57 12.78
C THR A 286 -7.84 46.11 11.43
N ILE A 287 -8.98 45.44 11.42
CA ILE A 287 -9.54 44.94 10.19
C ILE A 287 -10.91 45.51 9.84
N ARG A 288 -11.01 46.14 8.68
CA ARG A 288 -12.27 46.69 8.21
C ARG A 288 -12.77 45.73 7.13
N PHE A 289 -14.02 45.32 7.24
CA PHE A 289 -14.54 44.38 6.28
C PHE A 289 -15.97 44.68 5.85
N SER A 290 -16.35 44.05 4.74
CA SER A 290 -17.68 44.18 4.19
C SER A 290 -18.10 42.75 3.92
N SER A 291 -19.39 42.46 4.03
CA SER A 291 -19.87 41.11 3.79
C SER A 291 -21.35 41.11 3.43
N SER A 292 -21.86 39.93 3.10
CA SER A 292 -23.25 39.75 2.74
C SER A 292 -24.12 39.94 3.99
N TRP A 293 -23.49 39.90 5.16
CA TRP A 293 -24.23 40.07 6.41
C TRP A 293 -24.11 41.48 6.97
N GLY A 294 -23.27 42.31 6.36
CA GLY A 294 -23.08 43.66 6.84
C GLY A 294 -21.61 43.97 7.02
N ASP A 295 -21.29 45.23 7.30
CA ASP A 295 -19.90 45.66 7.48
C ASP A 295 -19.53 45.94 8.93
N GLY A 296 -18.24 46.20 9.16
CA GLY A 296 -17.78 46.49 10.52
C GLY A 296 -16.27 46.57 10.65
N GLU A 297 -15.80 46.83 11.87
CA GLU A 297 -14.37 46.93 12.16
C GLU A 297 -13.99 45.97 13.30
N ILE A 298 -12.88 45.26 13.12
CA ILE A 298 -12.43 44.30 14.13
C ILE A 298 -11.01 44.56 14.61
N GLU A 299 -10.85 44.59 15.93
CA GLU A 299 -9.54 44.77 16.54
C GLU A 299 -9.03 43.39 16.92
N SER A 300 -8.07 42.89 16.15
CA SER A 300 -7.50 41.58 16.39
C SER A 300 -6.19 41.66 17.13
N HIS A 301 -5.94 40.67 17.99
CA HIS A 301 -4.70 40.63 18.75
C HIS A 301 -3.79 39.52 18.25
N LEU A 302 -4.02 39.09 17.01
CA LEU A 302 -3.20 38.07 16.37
C LEU A 302 -2.26 38.78 15.41
N GLY A 304 0.26 39.31 12.04
CA GLY A 304 0.41 39.00 10.63
C GLY A 304 -0.82 38.88 9.74
N ALA A 305 -0.58 39.00 8.44
CA ALA A 305 -1.63 38.91 7.43
C ALA A 305 -2.24 37.51 7.38
N PHE A 306 -1.40 36.49 7.59
CA PHE A 306 -1.88 35.12 7.58
C PHE A 306 -2.99 34.94 8.62
N ASN A 307 -2.80 35.53 9.79
CA ASN A 307 -3.81 35.40 10.84
C ASN A 307 -5.05 36.23 10.58
N VAL A 308 -4.94 37.22 9.70
CA VAL A 308 -6.10 38.04 9.37
C VAL A 308 -7.02 37.11 8.55
N SER A 309 -6.41 36.32 7.67
CA SER A 309 -7.16 35.39 6.84
C SER A 309 -7.83 34.30 7.69
N ASN A 310 -7.13 33.80 8.69
CA ASN A 310 -7.69 32.76 9.55
C ASN A 310 -8.89 33.29 10.35
N LEU A 311 -8.78 34.51 10.84
CA LEU A 311 -9.86 35.12 11.60
C LEU A 311 -11.07 35.40 10.70
N LEU A 312 -10.80 35.86 9.48
CA LEU A 312 -11.87 36.14 8.52
C LEU A 312 -12.63 34.87 8.19
N LEU A 313 -11.91 33.76 8.07
CA LEU A 313 -12.55 32.49 7.78
C LEU A 313 -13.43 32.08 8.94
N ALA A 314 -12.95 32.28 10.16
CA ALA A 314 -13.74 31.93 11.34
C ALA A 314 -14.99 32.79 11.41
N LEU A 315 -14.85 34.08 11.14
CA LEU A 315 -15.97 35.02 11.17
C LEU A 315 -17.04 34.64 10.14
N ALA A 316 -16.63 34.40 8.90
CA ALA A 316 -17.59 34.04 7.86
C ALA A 316 -18.35 32.77 8.21
N THR A 317 -17.66 31.81 8.82
CA THR A 317 -18.27 30.54 9.22
C THR A 317 -19.37 30.75 10.26
N LEU A 318 -19.05 31.53 11.30
CA LEU A 318 -20.02 31.78 12.36
C LEU A 318 -21.23 32.56 11.83
N LEU A 319 -20.99 33.53 10.96
CA LEU A 319 -22.09 34.29 10.36
C LEU A 319 -22.95 33.33 9.53
N ALA A 320 -22.29 32.50 8.73
CA ALA A 320 -23.00 31.54 7.89
C ALA A 320 -23.80 30.58 8.76
N LEU A 321 -23.32 30.34 9.98
CA LEU A 321 -23.99 29.44 10.91
C LEU A 321 -25.10 30.13 11.71
N GLY A 322 -25.35 31.40 11.41
CA GLY A 322 -26.42 32.11 12.10
C GLY A 322 -26.10 32.96 13.32
N TYR A 323 -24.85 33.08 13.70
CA TYR A 323 -24.49 33.91 14.86
C TYR A 323 -24.60 35.37 14.42
N PRO A 324 -25.19 36.24 15.27
CA PRO A 324 -25.35 37.66 14.93
C PRO A 324 -24.05 38.47 14.81
N LEU A 325 -23.92 39.21 13.72
CA LEU A 325 -22.73 40.01 13.48
C LEU A 325 -22.43 40.94 14.65
N ALA A 326 -23.46 41.62 15.15
CA ALA A 326 -23.29 42.55 16.26
C ALA A 326 -22.55 41.90 17.44
N ASP A 327 -22.98 40.70 17.82
CA ASP A 327 -22.36 40.00 18.93
C ASP A 327 -20.96 39.48 18.62
N LEU A 328 -20.71 39.14 17.35
CA LEU A 328 -19.39 38.67 16.96
C LEU A 328 -18.38 39.82 17.06
N LEU A 329 -18.81 41.02 16.68
CA LEU A 329 -17.97 42.21 16.73
C LEU A 329 -17.64 42.63 18.17
N LYS A 330 -18.60 42.49 19.07
CA LYS A 330 -18.40 42.87 20.46
C LYS A 330 -17.36 41.99 21.16
N THR A 331 -17.25 40.74 20.73
CA THR A 331 -16.33 39.80 21.36
C THR A 331 -15.01 39.56 20.64
N ALA A 332 -14.88 40.03 19.40
CA ALA A 332 -13.66 39.83 18.62
C ALA A 332 -12.37 40.16 19.35
N ALA A 333 -12.38 41.24 20.12
CA ALA A 333 -11.20 41.70 20.85
C ALA A 333 -10.68 40.73 21.92
N ARG A 334 -11.52 39.80 22.35
CA ARG A 334 -11.09 38.85 23.37
C ARG A 334 -10.47 37.58 22.80
N LEU A 335 -10.46 37.45 21.47
CA LEU A 335 -9.87 36.28 20.83
C LEU A 335 -8.38 36.20 21.16
N GLN A 336 -7.89 34.99 21.43
CA GLN A 336 -6.49 34.79 21.79
C GLN A 336 -5.70 33.96 20.77
N PRO A 337 -4.42 34.28 20.58
CA PRO A 337 -3.64 33.49 19.61
C PRO A 337 -3.36 32.10 20.19
N VAL A 338 -2.97 31.15 19.33
CA VAL A 338 -2.69 29.78 19.76
C VAL A 338 -1.21 29.58 20.04
N CYS A 339 -0.89 28.79 21.06
CA CYS A 339 0.51 28.56 21.42
C CYS A 339 1.27 27.88 20.27
N GLY A 340 2.51 28.33 20.06
CA GLY A 340 3.33 27.77 19.00
C GLY A 340 3.07 28.43 17.67
N ARG A 341 2.13 29.36 17.63
CA ARG A 341 1.83 30.04 16.39
C ARG A 341 1.96 31.54 16.58
N GLU A 343 3.89 33.10 18.31
CA GLU A 343 3.98 33.37 19.73
C GLU A 343 5.16 34.31 19.95
N VAL A 344 4.87 35.53 20.43
CA VAL A 344 5.92 36.53 20.62
C VAL A 344 6.45 36.65 22.04
N PHE A 345 7.77 36.51 22.19
CA PHE A 345 8.44 36.63 23.48
C PHE A 345 9.24 37.92 23.50
N THR A 346 8.94 38.79 24.46
CA THR A 346 9.64 40.06 24.58
C THR A 346 10.11 40.32 26.01
N ALA A 347 11.37 40.70 26.14
CA ALA A 347 11.95 40.99 27.45
C ALA A 347 12.97 42.11 27.27
N PRO A 348 13.05 43.04 28.25
CA PRO A 348 14.01 44.13 28.12
C PRO A 348 15.45 43.63 27.99
N GLY A 349 16.23 44.30 27.15
CA GLY A 349 17.62 43.92 26.97
C GLY A 349 17.83 42.70 26.09
N LYS A 350 16.74 42.17 25.54
CA LYS A 350 16.84 40.99 24.68
C LYS A 350 16.06 41.14 23.37
N PRO A 351 16.47 40.41 22.33
CA PRO A 351 15.77 40.51 21.05
C PRO A 351 14.36 39.92 21.20
N THR A 352 13.46 40.33 20.32
CA THR A 352 12.11 39.79 20.35
C THR A 352 12.21 38.45 19.64
N VAL A 353 11.61 37.42 20.22
CA VAL A 353 11.66 36.09 19.63
C VAL A 353 10.26 35.61 19.30
N VAL A 354 10.10 35.11 18.07
CA VAL A 354 8.82 34.61 17.61
C VAL A 354 8.92 33.12 17.32
N VAL A 355 8.09 32.33 17.99
CA VAL A 355 8.09 30.89 17.76
C VAL A 355 6.89 30.59 16.87
N ASP A 356 7.12 29.95 15.73
CA ASP A 356 6.03 29.62 14.82
C ASP A 356 6.15 28.22 14.24
N TYR A 357 5.00 27.64 13.90
CA TYR A 357 4.92 26.29 13.35
C TYR A 357 5.31 26.16 11.88
N ALA A 358 5.33 27.27 11.15
CA ALA A 358 5.67 27.28 9.73
C ALA A 358 6.70 26.23 9.31
N HIS A 359 6.24 25.18 8.63
CA HIS A 359 7.13 24.13 8.16
C HIS A 359 6.98 23.85 6.66
N THR A 360 6.34 24.79 5.95
CA THR A 360 6.17 24.67 4.50
C THR A 360 6.72 25.96 3.88
N PRO A 361 7.17 25.91 2.62
CA PRO A 361 7.71 27.09 1.94
C PRO A 361 6.81 28.31 2.07
N ASP A 362 5.52 28.11 1.79
CA ASP A 362 4.53 29.19 1.84
C ASP A 362 4.35 29.77 3.24
N ALA A 363 4.28 28.91 4.25
CA ALA A 363 4.10 29.34 5.62
C ALA A 363 5.29 30.16 6.12
N LEU A 364 6.49 29.71 5.77
CA LEU A 364 7.71 30.39 6.18
C LEU A 364 7.75 31.80 5.60
N GLU A 365 7.42 31.93 4.31
CA GLU A 365 7.39 33.23 3.65
C GLU A 365 6.49 34.22 4.40
N LYS A 366 5.27 33.80 4.69
CA LYS A 366 4.30 34.63 5.40
C LYS A 366 4.74 34.96 6.82
N ALA A 367 5.42 34.01 7.46
CA ALA A 367 5.89 34.23 8.83
C ALA A 367 7.01 35.28 8.85
N LEU A 368 7.95 35.15 7.92
CA LEU A 368 9.06 36.09 7.83
C LEU A 368 8.60 37.48 7.41
N GLN A 369 7.60 37.54 6.53
CA GLN A 369 7.07 38.83 6.07
C GLN A 369 6.40 39.55 7.24
N ALA A 370 5.70 38.80 8.07
CA ALA A 370 5.02 39.37 9.22
C ALA A 370 6.04 39.76 10.29
N ALA A 371 7.05 38.92 10.47
CA ALA A 371 8.07 39.18 11.46
C ALA A 371 8.86 40.45 11.14
N ARG A 372 9.04 40.75 9.87
CA ARG A 372 9.80 41.94 9.51
C ARG A 372 9.02 43.24 9.66
N LEU A 373 7.70 43.15 9.75
CA LEU A 373 6.88 44.35 9.91
C LEU A 373 7.21 45.09 11.20
N HIS A 374 7.50 44.34 12.26
CA HIS A 374 7.82 44.93 13.56
C HIS A 374 9.30 44.77 13.88
N CYS A 375 10.11 44.63 12.83
CA CYS A 375 11.55 44.46 13.01
C CYS A 375 12.33 45.69 12.56
N ALA A 376 12.91 46.41 13.51
CA ALA A 376 13.68 47.61 13.20
C ALA A 376 15.13 47.24 12.90
N GLY A 377 15.60 46.17 13.54
CA GLY A 377 16.96 45.72 13.32
C GLY A 377 16.99 44.60 12.29
N LYS A 378 17.84 43.60 12.53
CA LYS A 378 17.95 42.47 11.61
C LYS A 378 16.99 41.34 11.97
N LEU A 379 16.53 40.62 10.95
CA LEU A 379 15.62 39.51 11.14
C LEU A 379 16.39 38.20 10.98
N TRP A 380 16.39 37.38 12.03
CA TRP A 380 17.07 36.09 12.01
C TRP A 380 16.03 35.01 11.81
N CYS A 381 16.41 33.94 11.10
CA CYS A 381 15.50 32.83 10.87
C CYS A 381 16.18 31.51 11.21
N VAL A 382 15.74 30.89 12.30
CA VAL A 382 16.29 29.61 12.73
C VAL A 382 15.28 28.55 12.33
N PHE A 383 15.68 27.62 11.46
CA PHE A 383 14.76 26.60 10.98
C PHE A 383 15.46 25.36 10.44
N GLY A 384 14.66 24.35 10.15
CA GLY A 384 15.15 23.11 9.59
C GLY A 384 14.00 22.40 8.90
N CYS A 385 14.25 21.20 8.36
CA CYS A 385 13.20 20.46 7.70
C CYS A 385 13.12 19.03 8.25
N GLY A 386 11.92 18.45 8.21
CA GLY A 386 11.74 17.11 8.74
C GLY A 386 12.25 15.96 7.89
N GLY A 387 12.89 15.01 8.57
CA GLY A 387 13.40 13.83 7.88
C GLY A 387 12.26 12.90 7.54
N ASP A 388 12.48 12.03 6.57
CA ASP A 388 11.48 11.08 6.12
C ASP A 388 10.20 11.77 5.67
N ARG A 389 10.37 12.88 4.95
CA ARG A 389 9.24 13.62 4.42
C ARG A 389 9.61 14.36 3.14
N ASP A 390 8.61 14.98 2.52
CA ASP A 390 8.80 15.70 1.26
C ASP A 390 10.16 16.39 1.14
N LYS A 391 11.06 15.76 0.39
CA LYS A 391 12.40 16.31 0.19
C LYS A 391 12.39 17.53 -0.73
N GLY A 392 11.43 17.57 -1.64
CA GLY A 392 11.32 18.66 -2.59
C GLY A 392 11.12 20.05 -2.02
N LYS A 393 10.43 20.16 -0.89
CA LYS A 393 10.20 21.47 -0.28
C LYS A 393 11.45 22.04 0.39
N ARG A 394 12.45 21.19 0.64
CA ARG A 394 13.68 21.64 1.29
C ARG A 394 14.40 22.77 0.56
N PRO A 395 14.66 22.61 -0.74
CA PRO A 395 15.36 23.66 -1.50
C PRO A 395 14.56 24.95 -1.51
N LEU A 396 13.23 24.85 -1.61
CA LEU A 396 12.37 26.02 -1.63
C LEU A 396 12.45 26.83 -0.35
N GLY A 398 14.98 26.92 1.79
CA GLY A 398 16.29 27.54 1.92
C GLY A 398 16.29 28.85 1.14
N ALA A 399 15.69 28.82 -0.05
CA ALA A 399 15.60 30.00 -0.90
C ALA A 399 14.78 31.09 -0.25
N ILE A 400 13.71 30.69 0.43
CA ILE A 400 12.85 31.64 1.12
C ILE A 400 13.57 32.33 2.29
N ALA A 401 14.28 31.54 3.09
CA ALA A 401 14.99 32.10 4.23
C ALA A 401 16.06 33.10 3.77
N GLU A 402 16.83 32.70 2.77
CA GLU A 402 17.89 33.53 2.22
C GLU A 402 17.38 34.86 1.65
N GLU A 403 16.17 34.87 1.11
CA GLU A 403 15.61 36.07 0.52
C GLU A 403 14.84 36.99 1.47
N PHE A 404 14.06 36.41 2.36
CA PHE A 404 13.26 37.20 3.28
C PHE A 404 13.83 37.43 4.68
N ALA A 405 14.96 36.81 4.98
CA ALA A 405 15.59 36.99 6.28
C ALA A 405 16.98 37.56 6.09
N ASP A 406 17.49 38.27 7.09
CA ASP A 406 18.81 38.88 7.02
C ASP A 406 19.87 37.87 7.45
N VAL A 407 19.50 36.95 8.34
CA VAL A 407 20.41 35.93 8.82
C VAL A 407 19.66 34.59 8.84
N ALA A 408 20.20 33.60 8.14
CA ALA A 408 19.58 32.29 8.08
C ALA A 408 20.40 31.26 8.84
N VAL A 409 19.81 30.71 9.90
CA VAL A 409 20.48 29.69 10.70
C VAL A 409 19.81 28.35 10.46
N VAL A 410 20.44 27.51 9.63
CA VAL A 410 19.91 26.21 9.30
C VAL A 410 20.35 25.17 10.33
N THR A 411 19.37 24.51 10.93
CA THR A 411 19.65 23.51 11.95
C THR A 411 18.73 22.31 11.71
N ASP A 412 18.61 21.43 12.70
CA ASP A 412 17.76 20.27 12.57
C ASP A 412 16.34 20.57 13.04
N ASP A 413 15.39 19.74 12.59
CA ASP A 413 13.99 19.85 12.97
C ASP A 413 13.70 18.46 13.57
N ASN A 414 13.01 17.61 12.82
CA ASN A 414 12.75 16.24 13.26
C ASN A 414 13.40 15.35 12.20
N PRO A 415 14.70 15.06 12.38
CA PRO A 415 15.51 14.23 11.48
C PRO A 415 15.00 12.81 11.25
N ARG A 416 14.31 12.25 12.23
CA ARG A 416 13.81 10.89 12.14
C ARG A 416 14.94 9.96 11.69
N THR A 417 14.71 9.17 10.65
CA THR A 417 15.74 8.23 10.19
C THR A 417 16.72 8.72 9.14
N GLU A 418 16.64 10.00 8.77
CA GLU A 418 17.55 10.57 7.77
C GLU A 418 18.77 11.23 8.42
N GLU A 419 19.90 11.23 7.71
CA GLU A 419 21.12 11.87 8.20
C GLU A 419 20.85 13.36 8.35
N PRO A 420 21.13 13.91 9.53
CA PRO A 420 20.89 15.32 9.80
C PRO A 420 21.40 16.29 8.73
N ARG A 421 22.63 16.05 8.29
CA ARG A 421 23.29 16.91 7.33
C ARG A 421 22.85 16.83 5.95
N ALA A 422 22.49 15.61 5.68
CA ALA A 422 22.00 15.30 4.40
C ALA A 422 20.80 16.21 4.20
N ILE A 423 19.95 16.33 5.23
CA ILE A 423 18.76 17.17 5.14
C ILE A 423 19.18 18.63 4.95
N ILE A 424 20.19 19.04 5.70
CA ILE A 424 20.69 20.40 5.64
C ILE A 424 21.27 20.75 4.27
N ASN A 425 21.96 19.80 3.66
CA ASN A 425 22.54 20.03 2.34
C ASN A 425 21.46 20.27 1.30
N ASP A 426 20.33 19.58 1.42
CA ASP A 426 19.23 19.75 0.48
C ASP A 426 18.63 21.15 0.60
N ILE A 427 18.59 21.67 1.82
CA ILE A 427 18.06 23.01 2.05
C ILE A 427 18.99 24.08 1.45
N LEU A 428 20.29 23.93 1.69
CA LEU A 428 21.29 24.86 1.18
C LEU A 428 21.34 24.85 -0.35
N ALA A 429 21.08 23.69 -0.94
CA ALA A 429 21.10 23.53 -2.38
C ALA A 429 20.10 24.43 -3.10
N GLY A 430 19.15 24.98 -2.37
CA GLY A 430 18.16 25.84 -2.96
C GLY A 430 18.53 27.32 -2.88
N LEU A 432 20.95 30.75 -3.45
CA LEU A 432 21.80 31.31 -4.48
C LEU A 432 23.25 31.27 -4.00
N ASP A 433 23.42 31.35 -2.68
CA ASP A 433 24.75 31.30 -2.06
C ASP A 433 24.69 30.63 -0.69
N ALA A 434 24.94 29.32 -0.67
CA ALA A 434 24.92 28.53 0.56
C ALA A 434 25.84 29.04 1.65
N GLY A 435 27.11 29.26 1.30
CA GLY A 435 28.09 29.72 2.27
C GLY A 435 27.69 30.93 3.11
N HIS A 436 26.64 31.64 2.70
CA HIS A 436 26.19 32.81 3.44
C HIS A 436 25.36 32.42 4.66
N ALA A 437 24.79 31.23 4.64
CA ALA A 437 23.96 30.74 5.73
C ALA A 437 24.78 30.15 6.87
N LYS A 438 24.32 30.34 8.10
CA LYS A 438 25.01 29.81 9.26
C LYS A 438 24.42 28.46 9.61
N VAL A 439 25.19 27.40 9.35
CA VAL A 439 24.75 26.05 9.64
C VAL A 439 25.23 25.60 11.02
N GLU A 441 24.25 22.09 13.56
CA GLU A 441 23.44 20.98 14.02
C GLU A 441 23.18 21.16 15.51
N GLY A 442 22.12 20.52 16.01
CA GLY A 442 21.78 20.66 17.41
C GLY A 442 20.88 21.87 17.50
N ARG A 443 19.58 21.63 17.45
CA ARG A 443 18.60 22.71 17.49
C ARG A 443 18.70 23.59 18.74
N ALA A 444 18.76 22.96 19.92
CA ALA A 444 18.85 23.73 21.16
C ALA A 444 20.00 24.72 21.11
N GLU A 445 21.16 24.27 20.65
CA GLU A 445 22.34 25.12 20.54
C GLU A 445 22.13 26.26 19.55
N ALA A 446 21.52 25.93 18.41
CA ALA A 446 21.26 26.90 17.35
C ALA A 446 20.35 28.04 17.84
N VAL A 447 19.23 27.69 18.47
CA VAL A 447 18.31 28.70 19.00
C VAL A 447 19.02 29.60 20.01
N THR A 448 19.80 28.97 20.90
CA THR A 448 20.53 29.72 21.92
C THR A 448 21.52 30.71 21.30
N CYS A 449 22.32 30.23 20.35
CA CYS A 449 23.29 31.08 19.69
C CYS A 449 22.63 32.28 19.01
N ALA A 450 21.54 32.03 18.30
CA ALA A 450 20.83 33.10 17.60
C ALA A 450 20.24 34.11 18.58
N VAL A 451 19.56 33.62 19.60
CA VAL A 451 18.96 34.51 20.59
C VAL A 451 20.03 35.30 21.35
N GLN A 453 23.18 36.05 20.25
CA GLN A 453 23.89 36.95 19.35
C GLN A 453 23.04 38.10 18.82
N ALA A 454 21.74 37.89 18.67
CA ALA A 454 20.84 38.91 18.16
C ALA A 454 20.76 40.10 19.13
N LYS A 455 20.64 41.31 18.59
CA LYS A 455 20.55 42.50 19.42
C LYS A 455 19.12 42.80 19.83
N GLU A 456 18.97 43.71 20.78
CA GLU A 456 17.67 44.07 21.33
C GLU A 456 16.61 44.52 20.32
N ASN A 457 17.03 45.21 19.25
CA ASN A 457 16.07 45.67 18.25
C ASN A 457 15.89 44.65 17.14
N ASP A 458 16.52 43.48 17.30
CA ASP A 458 16.41 42.42 16.30
C ASP A 458 15.22 41.52 16.62
N VAL A 459 14.89 40.68 15.64
CA VAL A 459 13.79 39.72 15.79
C VAL A 459 14.30 38.36 15.33
N VAL A 460 14.07 37.35 16.15
CA VAL A 460 14.49 35.99 15.81
C VAL A 460 13.24 35.14 15.59
N LEU A 461 13.10 34.59 14.40
CA LEU A 461 11.96 33.73 14.09
C LEU A 461 12.45 32.30 14.22
N VAL A 462 11.86 31.56 15.16
CA VAL A 462 12.23 30.17 15.37
C VAL A 462 11.06 29.37 14.79
N ALA A 463 11.28 28.81 13.61
CA ALA A 463 10.23 28.09 12.91
C ALA A 463 10.40 26.61 12.69
N GLY A 464 9.28 25.95 12.42
CA GLY A 464 9.27 24.53 12.15
C GLY A 464 8.65 23.62 13.21
N LYS A 465 8.76 24.00 14.48
CA LYS A 465 8.28 23.17 15.61
C LYS A 465 7.01 23.64 16.25
N GLY A 466 6.86 24.95 16.38
CA GLY A 466 5.69 25.52 17.00
C GLY A 466 5.45 25.07 18.45
N HIS A 467 4.36 24.32 18.65
CA HIS A 467 3.95 23.82 19.97
C HIS A 467 4.65 22.53 20.42
N GLU A 468 5.25 21.83 19.46
CA GLU A 468 5.92 20.56 19.73
C GLU A 468 6.87 20.57 20.94
N ASP A 469 6.70 19.57 21.82
CA ASP A 469 7.54 19.45 23.00
C ASP A 469 8.45 18.21 22.90
N TYR A 470 8.68 17.76 21.68
CA TYR A 470 9.54 16.61 21.44
C TYR A 470 10.31 16.79 20.16
N GLN A 471 11.29 15.93 19.93
CA GLN A 471 12.10 15.95 18.71
C GLN A 471 12.37 14.49 18.37
N ILE A 472 12.02 14.08 17.15
CA ILE A 472 12.23 12.70 16.75
C ILE A 472 13.58 12.50 16.06
N VAL A 473 14.44 11.71 16.70
CA VAL A 473 15.76 11.41 16.17
C VAL A 473 15.84 9.91 16.06
N GLY A 474 15.91 9.42 14.83
CA GLY A 474 15.93 7.98 14.63
C GLY A 474 14.49 7.57 14.88
N ASN A 475 14.28 6.64 15.79
CA ASN A 475 12.92 6.21 16.09
C ASN A 475 12.56 6.59 17.54
N GLN A 476 13.38 7.46 18.13
CA GLN A 476 13.17 7.93 19.50
C GLN A 476 12.57 9.33 19.58
N ARG A 477 11.67 9.53 20.55
CA ARG A 477 11.06 10.83 20.75
C ARG A 477 11.78 11.45 21.94
N LEU A 478 12.63 12.44 21.67
CA LEU A 478 13.38 13.10 22.71
C LEU A 478 12.63 14.32 23.21
N ASP A 479 12.83 14.64 24.49
CA ASP A 479 12.17 15.79 25.09
C ASP A 479 12.86 17.07 24.66
N TYR A 480 12.13 17.92 23.95
CA TYR A 480 12.68 19.21 23.50
C TYR A 480 11.58 20.15 23.05
N SER A 481 11.70 21.41 23.46
CA SER A 481 10.71 22.42 23.11
C SER A 481 11.31 23.77 22.79
N ASP A 482 11.01 24.31 21.61
CA ASP A 482 11.51 25.63 21.23
C ASP A 482 10.94 26.64 22.23
N ARG A 483 9.66 26.50 22.55
CA ARG A 483 8.99 27.41 23.48
C ARG A 483 9.65 27.49 24.85
N VAL A 484 9.94 26.34 25.44
CA VAL A 484 10.58 26.32 26.76
C VAL A 484 12.00 26.88 26.65
N THR A 485 12.72 26.50 25.60
CA THR A 485 14.07 26.98 25.39
C THR A 485 14.08 28.51 25.38
N VAL A 486 13.23 29.09 24.52
CA VAL A 486 13.13 30.54 24.39
C VAL A 486 12.68 31.22 25.69
N ALA A 487 11.63 30.66 26.32
CA ALA A 487 11.12 31.22 27.56
C ALA A 487 12.21 31.32 28.63
N ARG A 488 13.03 30.27 28.75
CA ARG A 488 14.11 30.24 29.72
C ARG A 488 15.20 31.27 29.41
N LEU A 489 15.47 31.49 28.13
CA LEU A 489 16.50 32.45 27.73
C LEU A 489 16.08 33.89 28.02
N LEU A 490 14.80 34.21 27.80
CA LEU A 490 14.31 35.56 28.03
C LEU A 490 13.70 35.76 29.42
N GLY A 491 13.45 34.66 30.12
CA GLY A 491 12.87 34.75 31.46
C GLY A 491 11.43 35.20 31.52
N VAL A 492 10.69 35.05 30.42
CA VAL A 492 9.29 35.45 30.40
C VAL A 492 8.47 34.56 29.46
N ILE A 493 7.16 34.49 29.67
CA ILE A 493 6.30 33.72 28.80
C ILE A 493 5.91 34.66 27.66
N ALA A 494 5.16 34.15 26.68
CA ALA A 494 4.75 34.97 25.54
C ALA A 494 3.76 36.05 25.95
N ARG A 495 4.13 37.30 25.68
CA ARG A 495 3.30 38.45 26.00
C ARG A 495 2.03 38.43 25.15
N SER A 496 2.20 38.16 23.87
CA SER A 496 1.10 38.10 22.92
C SER A 496 0.05 37.07 23.36
N HIS A 497 0.49 36.04 24.07
CA HIS A 497 -0.42 35.00 24.52
C HIS A 497 -0.83 35.15 25.99
N HIS A 498 -0.30 36.07 26.66
N ASP B 2 32.92 -34.35 -16.96
CA ASP B 2 33.03 -32.87 -17.03
C ASP B 2 33.82 -32.37 -15.82
N ARG B 3 33.18 -32.38 -14.65
CA ARG B 3 33.87 -31.95 -13.44
C ARG B 3 34.23 -33.17 -12.60
N ASN B 4 35.29 -33.04 -11.84
CA ASN B 4 35.75 -34.13 -11.00
C ASN B 4 35.19 -33.95 -9.59
N LEU B 5 35.00 -35.06 -8.89
CA LEU B 5 34.48 -35.03 -7.53
C LEU B 5 35.34 -34.18 -6.60
N ARG B 6 36.67 -34.26 -6.71
CA ARG B 6 37.49 -33.47 -5.79
C ARG B 6 37.40 -31.98 -6.05
N ASP B 7 37.46 -31.57 -7.31
CA ASP B 7 37.37 -30.15 -7.65
C ASP B 7 36.05 -29.56 -7.14
N LEU B 8 34.99 -30.34 -7.27
CA LEU B 8 33.66 -29.92 -6.82
C LEU B 8 33.59 -29.67 -5.32
N LEU B 9 34.13 -30.59 -4.53
CA LEU B 9 34.09 -30.51 -3.07
C LEU B 9 35.31 -29.94 -2.34
N ALA B 10 36.40 -29.73 -3.08
CA ALA B 10 37.65 -29.22 -2.50
C ALA B 10 37.48 -28.14 -1.43
N PRO B 11 36.72 -27.08 -1.72
CA PRO B 11 36.51 -25.99 -0.76
C PRO B 11 35.91 -26.38 0.58
N TRP B 12 35.22 -27.52 0.63
CA TRP B 12 34.58 -27.95 1.87
C TRP B 12 35.03 -29.29 2.43
N VAL B 13 35.40 -30.21 1.55
CA VAL B 13 35.83 -31.53 1.97
C VAL B 13 37.26 -31.74 1.50
N PRO B 14 38.24 -31.40 2.37
CA PRO B 14 39.69 -31.50 2.15
C PRO B 14 40.21 -32.84 1.67
N ASP B 15 39.64 -33.93 2.17
CA ASP B 15 40.09 -35.27 1.79
C ASP B 15 39.18 -36.00 0.80
N ALA B 16 38.39 -35.25 0.03
CA ALA B 16 37.50 -35.88 -0.95
C ALA B 16 38.30 -36.61 -2.02
N PRO B 17 37.90 -37.83 -2.38
CA PRO B 17 38.62 -38.60 -3.41
C PRO B 17 38.35 -38.03 -4.82
N SER B 18 39.07 -38.57 -5.80
CA SER B 18 38.89 -38.12 -7.17
C SER B 18 38.12 -39.09 -8.02
N ARG B 19 37.18 -38.57 -8.80
CA ARG B 19 36.39 -39.37 -9.71
C ARG B 19 35.73 -38.49 -10.75
N ALA B 20 35.77 -38.93 -12.00
CA ALA B 20 35.14 -38.18 -13.08
C ALA B 20 33.65 -38.34 -12.86
N LEU B 21 32.90 -37.26 -13.05
CA LEU B 21 31.46 -37.28 -12.88
C LEU B 21 30.81 -36.78 -14.16
N ARG B 22 29.67 -37.35 -14.52
CA ARG B 22 28.96 -36.94 -15.72
C ARG B 22 27.85 -35.95 -15.38
N GLU B 23 26.79 -36.45 -14.75
CA GLU B 23 25.67 -35.58 -14.37
C GLU B 23 25.41 -35.68 -12.87
N THR B 25 22.32 -35.70 -9.95
CA THR B 25 20.87 -35.89 -9.83
C THR B 25 20.43 -36.22 -8.39
N LEU B 26 19.24 -35.74 -8.04
CA LEU B 26 18.65 -35.98 -6.73
C LEU B 26 17.75 -37.21 -6.79
N ASP B 27 17.61 -37.81 -7.97
CA ASP B 27 16.74 -38.97 -8.11
C ASP B 27 17.48 -40.21 -8.60
N SER B 28 17.50 -41.26 -7.78
CA SER B 28 18.19 -42.49 -8.13
C SER B 28 17.66 -43.11 -9.43
N ARG B 29 16.36 -42.95 -9.67
CA ARG B 29 15.70 -43.51 -10.85
C ARG B 29 16.31 -43.04 -12.18
N VAL B 30 17.00 -41.91 -12.17
CA VAL B 30 17.64 -41.41 -13.39
C VAL B 30 19.14 -41.28 -13.19
N ALA B 31 19.65 -41.94 -12.16
CA ALA B 31 21.08 -41.92 -11.86
C ALA B 31 21.76 -43.00 -12.69
N ALA B 32 22.47 -42.59 -13.74
CA ALA B 32 23.14 -43.52 -14.62
C ALA B 32 24.60 -43.75 -14.22
N ALA B 33 25.27 -44.60 -14.98
CA ALA B 33 26.66 -44.91 -14.71
C ALA B 33 27.50 -43.64 -14.84
N GLY B 34 28.35 -43.39 -13.84
CA GLY B 34 29.21 -42.22 -13.88
C GLY B 34 28.63 -40.94 -13.29
N ASP B 35 27.36 -40.98 -12.91
CA ASP B 35 26.72 -39.80 -12.34
C ASP B 35 26.99 -39.65 -10.85
N LEU B 36 26.62 -38.48 -10.34
CA LEU B 36 26.74 -38.15 -8.92
C LEU B 36 25.29 -38.15 -8.38
N PHE B 37 25.00 -39.01 -7.42
CA PHE B 37 23.66 -39.07 -6.84
C PHE B 37 23.67 -38.29 -5.51
N VAL B 38 22.69 -37.42 -5.32
CA VAL B 38 22.58 -36.63 -4.11
C VAL B 38 21.39 -37.17 -3.32
N ALA B 39 21.65 -37.65 -2.11
CA ALA B 39 20.64 -38.25 -1.26
C ALA B 39 20.26 -37.35 -0.08
N VAL B 40 19.06 -36.77 -0.14
CA VAL B 40 18.59 -35.91 0.93
C VAL B 40 17.30 -36.43 1.56
N VAL B 41 16.98 -35.91 2.74
CA VAL B 41 15.77 -36.29 3.44
C VAL B 41 14.68 -35.34 2.94
N GLY B 42 13.59 -35.89 2.43
CA GLY B 42 12.52 -35.05 1.93
C GLY B 42 11.32 -35.03 2.86
N HIS B 43 10.21 -34.50 2.38
CA HIS B 43 8.99 -34.42 3.18
C HIS B 43 8.35 -35.79 3.35
N GLN B 44 8.55 -36.67 2.37
CA GLN B 44 7.94 -37.99 2.42
C GLN B 44 8.88 -39.19 2.55
N ALA B 45 10.08 -39.07 2.01
CA ALA B 45 11.02 -40.19 2.07
C ALA B 45 12.44 -39.75 2.37
N ASP B 46 13.33 -40.73 2.54
CA ASP B 46 14.73 -40.46 2.82
C ASP B 46 15.54 -40.97 1.64
N GLY B 47 16.08 -40.05 0.85
CA GLY B 47 16.87 -40.42 -0.31
C GLY B 47 18.02 -41.37 -0.05
N ARG B 48 18.56 -41.36 1.17
CA ARG B 48 19.68 -42.23 1.51
C ARG B 48 19.30 -43.71 1.43
N ARG B 49 18.00 -43.99 1.51
CA ARG B 49 17.53 -45.36 1.45
C ARG B 49 17.67 -45.92 0.04
N TYR B 50 17.89 -45.06 -0.94
CA TYR B 50 18.05 -45.47 -2.33
C TYR B 50 19.52 -45.53 -2.77
N ILE B 51 20.42 -45.38 -1.81
CA ILE B 51 21.85 -45.42 -2.14
C ILE B 51 22.27 -46.77 -2.72
N PRO B 52 21.78 -47.89 -2.15
CA PRO B 52 22.18 -49.19 -2.72
C PRO B 52 21.76 -49.32 -4.19
N GLN B 53 20.59 -48.79 -4.53
CA GLN B 53 20.10 -48.85 -5.90
C GLN B 53 20.99 -47.99 -6.80
N ALA B 54 21.36 -46.82 -6.32
CA ALA B 54 22.21 -45.91 -7.09
C ALA B 54 23.52 -46.61 -7.38
N ILE B 55 24.08 -47.25 -6.36
CA ILE B 55 25.34 -47.97 -6.52
C ILE B 55 25.17 -49.13 -7.50
N ALA B 56 24.07 -49.86 -7.38
CA ALA B 56 23.78 -50.98 -8.28
C ALA B 56 23.69 -50.49 -9.72
N GLN B 57 23.30 -49.24 -9.90
CA GLN B 57 23.16 -48.65 -11.23
C GLN B 57 24.48 -48.07 -11.75
N GLY B 58 25.53 -48.17 -10.94
CA GLY B 58 26.83 -47.69 -11.37
C GLY B 58 27.18 -46.23 -11.18
N VAL B 59 26.50 -45.50 -10.28
CA VAL B 59 26.86 -44.09 -10.09
C VAL B 59 28.32 -44.04 -9.67
N ALA B 60 28.99 -42.93 -9.97
CA ALA B 60 30.40 -42.76 -9.65
C ALA B 60 30.65 -42.33 -8.21
N ALA B 61 29.74 -41.52 -7.68
CA ALA B 61 29.88 -41.00 -6.32
C ALA B 61 28.54 -40.59 -5.73
N ILE B 62 28.53 -40.41 -4.42
CA ILE B 62 27.32 -40.03 -3.70
C ILE B 62 27.59 -38.97 -2.64
N ILE B 63 26.72 -37.97 -2.58
CA ILE B 63 26.79 -36.94 -1.55
C ILE B 63 25.49 -37.15 -0.79
N ALA B 64 25.57 -37.32 0.53
CA ALA B 64 24.39 -37.58 1.34
C ALA B 64 24.25 -36.74 2.59
N GLU B 65 23.01 -36.52 3.02
CA GLU B 65 22.71 -35.75 4.22
C GLU B 65 23.36 -36.45 5.42
N ALA B 66 24.03 -35.68 6.26
CA ALA B 66 24.73 -36.19 7.43
C ALA B 66 23.89 -36.48 8.68
N LYS B 67 22.76 -35.80 8.83
CA LYS B 67 21.92 -35.95 10.01
C LYS B 67 21.66 -37.38 10.49
N ASP B 68 21.95 -37.62 11.77
CA ASP B 68 21.76 -38.91 12.43
C ASP B 68 22.59 -40.06 11.88
N GLU B 69 23.55 -39.76 11.00
CA GLU B 69 24.35 -40.81 10.40
C GLU B 69 25.85 -40.57 10.37
N ALA B 70 26.27 -39.31 10.17
CA ALA B 70 27.69 -39.01 10.08
C ALA B 70 28.02 -37.58 10.46
N THR B 71 29.31 -37.29 10.56
CA THR B 71 29.76 -35.94 10.87
C THR B 71 29.92 -35.22 9.54
N ASP B 72 29.82 -33.90 9.56
CA ASP B 72 29.94 -33.12 8.32
C ASP B 72 31.28 -33.36 7.64
N GLY B 73 31.24 -33.63 6.34
CA GLY B 73 32.46 -33.86 5.58
C GLY B 73 33.02 -35.25 5.72
N GLU B 74 32.28 -36.15 6.39
CA GLU B 74 32.76 -37.51 6.57
C GLU B 74 32.78 -38.23 5.23
N ILE B 75 33.82 -39.03 5.03
CA ILE B 75 33.98 -39.79 3.80
C ILE B 75 33.99 -41.28 4.06
N ARG B 76 33.15 -42.01 3.32
CA ARG B 76 33.07 -43.46 3.42
C ARG B 76 33.10 -43.97 1.98
N GLU B 77 33.20 -45.28 1.82
CA GLU B 77 33.22 -45.84 0.48
C GLU B 77 32.50 -47.18 0.48
N HIS B 79 31.45 -50.30 -1.88
CA HIS B 79 31.69 -50.98 -3.14
C HIS B 79 32.46 -50.12 -4.13
N GLY B 80 33.51 -49.46 -3.64
CA GLY B 80 34.31 -48.62 -4.51
C GLY B 80 33.70 -47.28 -4.83
N VAL B 81 32.49 -47.03 -4.32
CA VAL B 81 31.82 -45.76 -4.55
C VAL B 81 31.95 -44.83 -3.35
N PRO B 82 32.55 -43.66 -3.55
CA PRO B 82 32.71 -42.72 -2.44
C PRO B 82 31.36 -42.14 -2.01
N VAL B 83 31.12 -42.12 -0.71
CA VAL B 83 29.89 -41.55 -0.16
C VAL B 83 30.33 -40.44 0.78
N ILE B 84 30.07 -39.20 0.41
CA ILE B 84 30.44 -38.03 1.21
C ILE B 84 29.23 -37.46 1.94
N TYR B 85 29.34 -37.30 3.25
CA TYR B 85 28.24 -36.78 4.05
C TYR B 85 28.39 -35.29 4.35
N LEU B 86 27.32 -34.52 4.14
CA LEU B 86 27.31 -33.09 4.41
C LEU B 86 26.10 -32.71 5.26
N SER B 87 26.30 -31.82 6.23
CA SER B 87 25.20 -31.37 7.08
C SER B 87 24.46 -30.23 6.37
N GLN B 88 23.19 -30.04 6.71
CA GLN B 88 22.38 -28.98 6.10
C GLN B 88 22.47 -29.06 4.57
N LEU B 89 22.45 -30.27 4.03
CA LEU B 89 22.55 -30.47 2.59
C LEU B 89 21.49 -29.74 1.75
N ASN B 90 20.23 -29.79 2.16
CA ASN B 90 19.16 -29.14 1.40
C ASN B 90 19.45 -27.65 1.17
N GLU B 91 20.01 -27.01 2.20
CA GLU B 91 20.37 -25.60 2.13
C GLU B 91 21.60 -25.12 1.20
N ARG B 92 22.64 -25.91 0.87
CA ARG B 92 23.87 -25.57 0.07
C ARG B 92 23.85 -26.16 -1.35
N LEU B 93 22.76 -27.04 -1.56
CA LEU B 93 22.36 -27.88 -2.80
C LEU B 93 22.45 -26.99 -3.99
N SER B 94 21.76 -25.85 -3.97
CA SER B 94 21.83 -24.90 -5.07
C SER B 94 23.28 -24.45 -5.29
N ALA B 95 23.98 -24.16 -4.20
CA ALA B 95 25.37 -23.74 -4.31
C ALA B 95 26.24 -24.86 -4.87
N LEU B 96 26.01 -26.07 -4.38
CA LEU B 96 26.78 -27.23 -4.84
C LEU B 96 26.57 -27.45 -6.35
N ALA B 97 25.31 -27.43 -6.77
CA ALA B 97 24.97 -27.65 -8.18
C ALA B 97 25.48 -26.49 -9.04
N GLY B 98 25.48 -25.28 -8.48
CA GLY B 98 25.98 -24.14 -9.21
C GLY B 98 27.46 -24.35 -9.54
N ARG B 99 28.20 -24.90 -8.59
CA ARG B 99 29.62 -25.17 -8.78
C ARG B 99 29.81 -26.29 -9.80
N PHE B 100 28.99 -27.32 -9.69
CA PHE B 100 29.06 -28.46 -10.62
C PHE B 100 28.84 -28.02 -12.07
N TYR B 101 27.87 -27.13 -12.28
CA TYR B 101 27.51 -26.65 -13.61
C TYR B 101 28.14 -25.33 -14.04
N HIS B 102 29.17 -24.91 -13.32
CA HIS B 102 29.89 -23.67 -13.61
C HIS B 102 29.11 -22.36 -13.57
N GLU B 103 28.33 -22.16 -12.51
CA GLU B 103 27.54 -20.94 -12.32
C GLU B 103 26.83 -20.42 -13.57
N PRO B 104 25.85 -21.19 -14.07
CA PRO B 104 25.10 -20.80 -15.26
C PRO B 104 24.40 -19.44 -15.18
N SER B 105 23.84 -19.10 -14.01
CA SER B 105 23.13 -17.83 -13.89
C SER B 105 24.01 -16.61 -14.08
N ASP B 106 25.33 -16.81 -14.13
CA ASP B 106 26.25 -15.69 -14.34
C ASP B 106 26.56 -15.53 -15.83
N ASN B 107 26.03 -16.43 -16.64
CA ASN B 107 26.30 -16.39 -18.08
C ASN B 107 25.09 -16.06 -18.94
N LEU B 108 24.02 -15.63 -18.28
CA LEU B 108 22.82 -15.20 -18.98
C LEU B 108 22.06 -14.32 -18.01
N ARG B 109 21.15 -13.52 -18.54
CA ARG B 109 20.34 -12.63 -17.72
C ARG B 109 19.13 -13.38 -17.19
N LEU B 110 19.09 -13.55 -15.88
CA LEU B 110 18.01 -14.29 -15.27
C LEU B 110 17.02 -13.42 -14.51
N VAL B 111 15.75 -13.53 -14.87
CA VAL B 111 14.72 -12.76 -14.19
C VAL B 111 13.82 -13.73 -13.42
N GLY B 112 13.62 -13.44 -12.14
CA GLY B 112 12.77 -14.29 -11.33
C GLY B 112 11.45 -13.58 -11.10
N VAL B 113 10.35 -14.32 -11.17
CA VAL B 113 9.02 -13.75 -10.96
C VAL B 113 8.28 -14.54 -9.89
N THR B 114 7.84 -13.86 -8.84
CA THR B 114 7.08 -14.52 -7.79
C THR B 114 5.76 -13.78 -7.59
N GLY B 115 4.82 -14.44 -6.93
CA GLY B 115 3.53 -13.84 -6.70
C GLY B 115 2.48 -14.93 -6.78
N THR B 116 1.31 -14.67 -6.21
CA THR B 116 0.23 -15.64 -6.20
C THR B 116 -0.32 -15.95 -7.59
N ASN B 117 -0.58 -14.91 -8.37
CA ASN B 117 -1.15 -15.08 -9.72
C ASN B 117 -0.32 -14.35 -10.77
N GLY B 118 -0.33 -14.87 -11.99
CA GLY B 118 0.38 -14.22 -13.09
C GLY B 118 1.86 -14.49 -13.32
N LYS B 119 2.47 -15.41 -12.57
CA LYS B 119 3.90 -15.64 -12.80
C LYS B 119 4.12 -16.16 -14.21
N THR B 120 3.28 -17.10 -14.65
CA THR B 120 3.43 -17.69 -15.97
C THR B 120 3.31 -16.69 -17.11
N THR B 121 2.23 -15.92 -17.11
CA THR B 121 2.04 -14.94 -18.16
C THR B 121 3.18 -13.91 -18.15
N THR B 122 3.57 -13.46 -16.97
CA THR B 122 4.64 -12.47 -16.87
C THR B 122 5.97 -13.02 -17.38
N THR B 123 6.33 -14.25 -17.01
CA THR B 123 7.59 -14.83 -17.45
C THR B 123 7.58 -15.08 -18.96
N GLN B 124 6.44 -15.52 -19.49
CA GLN B 124 6.33 -15.79 -20.93
C GLN B 124 6.40 -14.48 -21.72
N LEU B 125 5.83 -13.41 -21.19
CA LEU B 125 5.87 -12.12 -21.88
C LEU B 125 7.30 -11.57 -21.87
N LEU B 126 8.00 -11.77 -20.76
CA LEU B 126 9.37 -11.29 -20.66
C LEU B 126 10.25 -11.99 -21.70
N ALA B 127 10.07 -13.30 -21.83
CA ALA B 127 10.84 -14.09 -22.78
C ALA B 127 10.51 -13.74 -24.22
N GLN B 128 9.21 -13.60 -24.52
CA GLN B 128 8.76 -13.26 -25.87
C GLN B 128 9.27 -11.89 -26.27
N TRP B 129 9.10 -10.91 -25.38
CA TRP B 129 9.54 -9.54 -25.66
C TRP B 129 11.04 -9.50 -25.90
N SER B 130 11.81 -10.07 -24.99
CA SER B 130 13.27 -10.05 -25.11
C SER B 130 13.72 -10.69 -26.44
N GLN B 131 13.03 -11.74 -26.87
CA GLN B 131 13.39 -12.38 -28.14
C GLN B 131 13.11 -11.43 -29.29
N LEU B 132 12.01 -10.67 -29.17
CA LEU B 132 11.62 -9.70 -30.19
C LEU B 132 12.62 -8.55 -30.24
N LEU B 133 13.42 -8.45 -29.18
CA LEU B 133 14.43 -7.42 -29.06
C LEU B 133 15.82 -7.91 -29.43
N GLY B 134 15.87 -9.04 -30.12
CA GLY B 134 17.14 -9.59 -30.55
C GLY B 134 17.93 -10.40 -29.54
N GLU B 135 17.26 -11.27 -28.79
CA GLU B 135 17.94 -12.12 -27.85
C GLU B 135 17.40 -13.54 -27.96
N ILE B 136 18.25 -14.51 -27.66
CA ILE B 136 17.81 -15.90 -27.62
C ILE B 136 17.32 -16.15 -26.17
N SER B 137 16.00 -16.20 -25.99
CA SER B 137 15.43 -16.35 -24.66
C SER B 137 14.86 -17.71 -24.33
N ALA B 138 14.74 -17.94 -23.03
CA ALA B 138 14.22 -19.18 -22.47
C ALA B 138 13.26 -18.87 -21.34
N VAL B 139 12.44 -19.85 -20.98
CA VAL B 139 11.50 -19.72 -19.88
C VAL B 139 11.52 -20.98 -19.05
N GLY B 141 8.90 -22.65 -15.96
CA GLY B 141 7.70 -22.44 -15.18
C GLY B 141 6.66 -23.52 -15.33
N THR B 142 5.43 -23.18 -14.96
CA THR B 142 4.32 -24.11 -14.97
C THR B 142 4.02 -24.78 -16.30
N VAL B 143 4.10 -24.03 -17.39
CA VAL B 143 3.81 -24.60 -18.70
C VAL B 143 5.03 -25.22 -19.39
N GLY B 144 6.15 -25.32 -18.67
CA GLY B 144 7.33 -25.92 -19.28
C GLY B 144 8.62 -25.12 -19.22
N ASN B 145 9.73 -25.83 -19.47
CA ASN B 145 11.06 -25.23 -19.45
C ASN B 145 11.76 -25.42 -20.80
N GLY B 146 12.52 -24.41 -21.22
CA GLY B 146 13.25 -24.51 -22.47
C GLY B 146 13.32 -23.19 -23.24
N LEU B 147 13.92 -23.23 -24.42
CA LEU B 147 14.00 -22.04 -25.27
C LEU B 147 12.58 -21.73 -25.71
N LEU B 148 12.27 -20.46 -25.94
CA LEU B 148 10.92 -20.10 -26.37
C LEU B 148 10.50 -20.94 -27.57
N GLY B 149 9.28 -21.44 -27.54
CA GLY B 149 8.77 -22.25 -28.64
C GLY B 149 9.29 -23.68 -28.66
N LYS B 150 10.08 -24.05 -27.66
CA LYS B 150 10.65 -25.39 -27.57
C LYS B 150 10.65 -25.82 -26.11
N VAL B 151 9.57 -25.48 -25.40
CA VAL B 151 9.49 -25.81 -23.98
C VAL B 151 9.06 -27.24 -23.72
N ILE B 152 9.65 -27.85 -22.70
CA ILE B 152 9.33 -29.21 -22.32
C ILE B 152 8.48 -29.16 -21.05
N PRO B 153 7.27 -29.73 -21.10
CA PRO B 153 6.37 -29.73 -19.94
C PRO B 153 7.06 -30.21 -18.66
N THR B 154 6.67 -29.60 -17.54
CA THR B 154 7.26 -29.91 -16.24
C THR B 154 6.22 -30.32 -15.21
N GLU B 155 6.67 -31.01 -14.17
CA GLU B 155 5.78 -31.45 -13.10
C GLU B 155 5.64 -30.34 -12.06
N ASN B 156 6.71 -29.56 -11.89
CA ASN B 156 6.75 -28.46 -10.91
C ASN B 156 6.85 -27.07 -11.54
N THR B 157 6.45 -26.06 -10.77
CA THR B 157 6.53 -24.68 -11.22
C THR B 157 8.00 -24.26 -11.10
N THR B 158 8.64 -24.63 -9.99
CA THR B 158 10.06 -24.34 -9.75
C THR B 158 10.76 -25.67 -9.47
N GLY B 159 11.69 -26.06 -10.35
CA GLY B 159 12.39 -27.33 -10.17
C GLY B 159 13.29 -27.43 -8.95
N SER B 160 13.81 -28.63 -8.69
CA SER B 160 14.69 -28.86 -7.56
C SER B 160 15.96 -28.00 -7.68
N ALA B 161 16.68 -27.83 -6.57
CA ALA B 161 17.89 -27.03 -6.55
C ALA B 161 18.88 -27.50 -7.61
N VAL B 162 18.96 -28.83 -7.80
CA VAL B 162 19.87 -29.40 -8.77
C VAL B 162 19.34 -29.25 -10.20
N ASP B 163 18.06 -29.56 -10.39
CA ASP B 163 17.44 -29.47 -11.71
C ASP B 163 17.50 -28.06 -12.30
N VAL B 164 17.30 -27.05 -11.46
CA VAL B 164 17.32 -25.67 -11.94
C VAL B 164 18.68 -25.31 -12.54
N GLN B 165 19.75 -25.57 -11.80
CA GLN B 165 21.10 -25.29 -12.26
C GLN B 165 21.41 -26.11 -13.53
N HIS B 166 21.03 -27.38 -13.51
CA HIS B 166 21.26 -28.27 -14.64
C HIS B 166 20.59 -27.72 -15.90
N GLU B 167 19.32 -27.33 -15.78
CA GLU B 167 18.61 -26.80 -16.94
C GLU B 167 19.22 -25.47 -17.41
N LEU B 168 19.56 -24.59 -16.47
CA LEU B 168 20.16 -23.31 -16.84
C LEU B 168 21.47 -23.55 -17.63
N ALA B 169 22.25 -24.53 -17.19
CA ALA B 169 23.50 -24.85 -17.86
C ALA B 169 23.21 -25.31 -19.29
N GLY B 170 22.14 -26.09 -19.43
CA GLY B 170 21.76 -26.58 -20.74
C GLY B 170 21.35 -25.43 -21.65
N LEU B 171 20.63 -24.46 -21.09
CA LEU B 171 20.18 -23.31 -21.87
C LEU B 171 21.36 -22.48 -22.32
N VAL B 172 22.34 -22.30 -21.44
CA VAL B 172 23.53 -21.54 -21.79
C VAL B 172 24.24 -22.24 -22.94
N ASP B 173 24.34 -23.57 -22.86
CA ASP B 173 24.99 -24.35 -23.92
C ASP B 173 24.24 -24.26 -25.24
N GLN B 174 22.97 -23.89 -25.19
CA GLN B 174 22.17 -23.76 -26.40
C GLN B 174 22.18 -22.34 -26.94
N GLY B 175 22.93 -21.45 -26.28
CA GLY B 175 23.02 -20.07 -26.74
C GLY B 175 22.04 -19.08 -26.14
N ALA B 176 21.24 -19.49 -25.17
CA ALA B 176 20.29 -18.57 -24.54
C ALA B 176 21.06 -17.50 -23.78
N THR B 177 20.60 -16.26 -23.90
CA THR B 177 21.25 -15.15 -23.21
C THR B 177 20.30 -14.48 -22.22
N PHE B 178 19.05 -14.95 -22.20
CA PHE B 178 18.02 -14.40 -21.32
C PHE B 178 17.07 -15.51 -20.89
N CYS B 179 16.67 -15.50 -19.62
CA CYS B 179 15.73 -16.50 -19.12
C CYS B 179 14.86 -15.90 -18.03
N ALA B 180 13.56 -16.13 -18.14
CA ALA B 180 12.59 -15.64 -17.14
C ALA B 180 12.04 -16.90 -16.47
N GLU B 182 9.78 -18.76 -13.15
CA GLU B 182 8.79 -18.61 -12.08
C GLU B 182 9.47 -19.08 -10.79
N VAL B 183 9.32 -18.30 -9.73
CA VAL B 183 9.91 -18.63 -8.44
C VAL B 183 8.76 -18.71 -7.43
N SER B 184 8.40 -19.94 -7.08
CA SER B 184 7.29 -20.16 -6.15
C SER B 184 7.69 -19.97 -4.69
N SER B 185 6.70 -19.72 -3.85
CA SER B 185 6.95 -19.55 -2.42
C SER B 185 7.50 -20.86 -1.87
N HIS B 186 7.03 -21.99 -2.40
CA HIS B 186 7.52 -23.30 -1.96
C HIS B 186 9.01 -23.41 -2.28
N GLY B 187 9.37 -23.00 -3.50
CA GLY B 187 10.75 -23.05 -3.93
C GLY B 187 11.68 -22.20 -3.09
N LEU B 188 11.20 -21.02 -2.71
CA LEU B 188 11.97 -20.11 -1.89
C LEU B 188 12.27 -20.70 -0.52
N VAL B 189 11.22 -21.16 0.15
CA VAL B 189 11.34 -21.76 1.47
C VAL B 189 12.24 -23.01 1.46
N GLN B 190 12.14 -23.81 0.40
CA GLN B 190 12.93 -25.04 0.26
C GLN B 190 14.32 -24.85 -0.36
N HIS B 191 14.75 -23.60 -0.52
CA HIS B 191 16.07 -23.27 -1.08
C HIS B 191 16.35 -23.73 -2.51
N ARG B 192 15.30 -23.88 -3.32
CA ARG B 192 15.49 -24.33 -4.70
C ARG B 192 16.27 -23.36 -5.59
N VAL B 193 16.29 -22.08 -5.24
CA VAL B 193 17.02 -21.11 -6.06
C VAL B 193 18.03 -20.30 -5.23
N ALA B 194 18.38 -20.85 -4.07
CA ALA B 194 19.27 -20.19 -3.13
C ALA B 194 20.55 -19.54 -3.64
N ALA B 195 21.23 -20.16 -4.60
CA ALA B 195 22.49 -19.60 -5.09
C ALA B 195 22.42 -18.92 -6.45
N LEU B 196 21.23 -18.78 -7.01
CA LEU B 196 21.09 -18.15 -8.33
C LEU B 196 21.29 -16.65 -8.29
N LYS B 197 21.85 -16.10 -9.35
CA LYS B 197 22.05 -14.66 -9.44
C LYS B 197 21.01 -14.09 -10.40
N PHE B 198 20.06 -13.35 -9.85
CA PHE B 198 18.99 -12.77 -10.63
C PHE B 198 19.34 -11.36 -11.08
N ALA B 199 19.02 -11.03 -12.32
CA ALA B 199 19.26 -9.70 -12.84
C ALA B 199 18.15 -8.81 -12.29
N ALA B 200 16.96 -9.39 -12.14
CA ALA B 200 15.80 -8.67 -11.62
C ALA B 200 14.82 -9.66 -11.00
N SER B 201 14.06 -9.20 -10.01
CA SER B 201 13.07 -10.01 -9.31
C SER B 201 11.74 -9.27 -9.30
N VAL B 202 10.73 -9.89 -9.90
CA VAL B 202 9.42 -9.28 -10.02
C VAL B 202 8.38 -9.86 -9.06
N PHE B 203 7.57 -8.97 -8.49
CA PHE B 203 6.49 -9.37 -7.58
C PHE B 203 5.17 -8.97 -8.21
N THR B 204 4.32 -9.95 -8.50
CA THR B 204 3.04 -9.69 -9.14
C THR B 204 1.91 -9.32 -8.19
N ASN B 205 1.74 -10.11 -7.13
CA ASN B 205 0.67 -9.89 -6.16
C ASN B 205 0.68 -10.98 -5.11
N LEU B 206 -0.16 -10.82 -4.09
CA LEU B 206 -0.27 -11.82 -3.03
C LEU B 206 -1.72 -11.88 -2.55
N SER B 207 -2.33 -13.05 -2.67
CA SER B 207 -3.70 -13.23 -2.21
C SER B 207 -3.80 -14.61 -1.55
N ARG B 208 -4.98 -14.99 -1.10
CA ARG B 208 -5.13 -16.27 -0.42
C ARG B 208 -4.82 -17.48 -1.30
N ASP B 209 -3.91 -18.32 -0.81
CA ASP B 209 -3.52 -19.52 -1.51
C ASP B 209 -2.39 -20.21 -0.76
N HIS B 210 -2.23 -21.50 -0.98
CA HIS B 210 -1.16 -22.27 -0.37
C HIS B 210 -1.10 -22.26 1.17
N LEU B 211 -2.22 -21.96 1.83
CA LEU B 211 -2.19 -21.95 3.29
C LEU B 211 -2.08 -23.37 3.87
N ASP B 212 -2.32 -24.37 3.04
CA ASP B 212 -2.21 -25.74 3.50
C ASP B 212 -0.72 -26.03 3.74
N TYR B 213 0.12 -25.27 3.06
CA TYR B 213 1.56 -25.43 3.20
C TYR B 213 2.15 -24.40 4.15
N HIS B 214 1.79 -23.13 3.95
CA HIS B 214 2.30 -22.06 4.79
C HIS B 214 1.57 -21.81 6.11
N GLY B 215 0.32 -22.24 6.21
CA GLY B 215 -0.41 -22.03 7.46
C GLY B 215 -1.22 -20.75 7.54
N ASP B 216 -0.58 -19.61 7.32
CA ASP B 216 -1.28 -18.33 7.36
C ASP B 216 -0.64 -17.35 6.39
N GLU B 218 0.68 -14.54 6.95
CA GLU B 218 1.91 -13.94 7.46
C GLU B 218 3.12 -14.76 7.02
N HIS B 219 3.02 -16.08 7.13
CA HIS B 219 4.10 -16.98 6.73
C HIS B 219 4.26 -17.02 5.21
N TYR B 220 3.14 -16.90 4.51
CA TYR B 220 3.14 -16.93 3.04
C TYR B 220 3.88 -15.70 2.54
N GLU B 221 3.57 -14.53 3.09
CA GLU B 221 4.23 -13.30 2.69
C GLU B 221 5.73 -13.37 3.01
N ALA B 222 6.06 -13.89 4.19
CA ALA B 222 7.45 -14.01 4.60
C ALA B 222 8.24 -14.91 3.65
N ALA B 223 7.58 -15.93 3.11
CA ALA B 223 8.24 -16.85 2.19
C ALA B 223 8.62 -16.10 0.90
N TRP B 225 9.02 -12.95 0.63
CA TRP B 225 9.97 -11.90 0.99
C TRP B 225 11.42 -12.40 0.92
N LEU B 226 11.61 -13.71 1.12
CA LEU B 226 12.94 -14.31 1.07
C LEU B 226 13.68 -13.96 -0.23
N LEU B 227 12.95 -13.87 -1.33
CA LEU B 227 13.58 -13.55 -2.62
C LEU B 227 14.36 -12.24 -2.56
N TYR B 228 13.79 -11.24 -1.89
CA TYR B 228 14.42 -9.93 -1.78
C TYR B 228 15.37 -9.79 -0.60
N SER B 229 15.21 -10.61 0.42
CA SER B 229 16.05 -10.50 1.60
C SER B 229 17.17 -11.53 1.76
N GLU B 230 17.07 -12.68 1.09
CA GLU B 230 18.09 -13.70 1.24
C GLU B 230 18.67 -14.24 -0.05
N HIS B 231 18.36 -13.58 -1.16
CA HIS B 231 18.87 -14.01 -2.45
C HIS B 231 19.48 -12.84 -3.20
N HIS B 232 20.32 -13.15 -4.19
CA HIS B 232 20.86 -12.09 -5.04
C HIS B 232 19.75 -11.80 -6.03
N CYS B 233 18.84 -10.94 -5.61
CA CYS B 233 17.67 -10.58 -6.40
C CYS B 233 17.84 -9.57 -7.52
N GLY B 234 18.95 -8.83 -7.50
CA GLY B 234 19.14 -7.83 -8.54
C GLY B 234 18.10 -6.72 -8.39
N GLN B 235 17.67 -6.13 -9.49
CA GLN B 235 16.69 -5.05 -9.43
C GLN B 235 15.29 -5.54 -9.08
N ALA B 236 14.62 -4.81 -8.20
CA ALA B 236 13.28 -5.18 -7.78
C ALA B 236 12.21 -4.43 -8.57
N ILE B 237 11.21 -5.18 -9.07
CA ILE B 237 10.10 -4.59 -9.81
C ILE B 237 8.87 -5.05 -9.03
N ILE B 238 8.11 -4.10 -8.47
CA ILE B 238 6.99 -4.45 -7.60
C ILE B 238 5.66 -3.85 -8.05
N ASN B 239 4.61 -4.66 -7.96
CA ASN B 239 3.27 -4.22 -8.31
C ASN B 239 2.74 -3.40 -7.13
N ALA B 240 2.57 -2.10 -7.35
CA ALA B 240 2.09 -1.19 -6.30
C ALA B 240 0.57 -1.23 -6.06
N ASP B 241 -0.17 -1.90 -6.93
CA ASP B 241 -1.62 -1.98 -6.74
C ASP B 241 -1.95 -2.96 -5.62
N ASP B 242 -0.95 -3.75 -5.23
CA ASP B 242 -1.09 -4.75 -4.18
C ASP B 242 -0.72 -4.15 -2.82
N GLU B 243 -1.52 -4.43 -1.80
CA GLU B 243 -1.25 -3.93 -0.45
C GLU B 243 0.13 -4.35 0.04
N VAL B 244 0.46 -5.63 -0.14
CA VAL B 244 1.77 -6.13 0.26
C VAL B 244 2.84 -5.42 -0.55
N GLY B 245 2.55 -5.19 -1.83
CA GLY B 245 3.50 -4.53 -2.70
C GLY B 245 3.92 -3.16 -2.21
N ARG B 246 2.95 -2.34 -1.81
CA ARG B 246 3.26 -1.01 -1.32
C ARG B 246 4.14 -1.05 -0.07
N ARG B 247 3.86 -1.98 0.83
CA ARG B 247 4.67 -2.07 2.04
C ARG B 247 6.11 -2.46 1.73
N TRP B 248 6.31 -3.37 0.78
CA TRP B 248 7.65 -3.79 0.40
C TRP B 248 8.38 -2.63 -0.29
N LEU B 249 7.64 -1.85 -1.07
CA LEU B 249 8.24 -0.71 -1.77
C LEU B 249 8.79 0.28 -0.75
N ALA B 250 8.13 0.37 0.40
CA ALA B 250 8.56 1.26 1.44
C ALA B 250 9.90 0.79 2.04
N LYS B 251 10.29 -0.44 1.70
CA LYS B 251 11.54 -1.03 2.20
C LYS B 251 12.60 -1.13 1.09
N LEU B 252 12.20 -0.88 -0.14
CA LEU B 252 13.11 -0.97 -1.28
C LEU B 252 13.20 0.36 -2.03
N PRO B 253 14.09 1.25 -1.58
CA PRO B 253 14.32 2.58 -2.15
C PRO B 253 14.54 2.63 -3.66
N ASP B 254 15.34 1.71 -4.18
CA ASP B 254 15.65 1.69 -5.61
C ASP B 254 14.80 0.74 -6.46
N ALA B 255 13.67 0.29 -5.93
CA ALA B 255 12.80 -0.61 -6.67
C ALA B 255 11.90 0.15 -7.63
N VAL B 256 11.46 -0.53 -8.69
CA VAL B 256 10.57 0.08 -9.66
C VAL B 256 9.12 -0.24 -9.26
N ALA B 257 8.31 0.80 -9.10
CA ALA B 257 6.91 0.62 -8.73
C ALA B 257 6.03 0.63 -9.97
N VAL B 258 5.13 -0.33 -10.06
CA VAL B 258 4.25 -0.43 -11.22
C VAL B 258 2.79 -0.40 -10.78
N SER B 259 2.00 0.44 -11.45
CA SER B 259 0.60 0.57 -11.07
C SER B 259 -0.34 0.67 -12.26
N GLU B 261 -3.81 1.07 -11.18
CA GLU B 261 -4.92 1.72 -10.48
C GLU B 261 -4.47 2.98 -9.74
N ASP B 262 -3.52 3.69 -10.33
CA ASP B 262 -2.99 4.94 -9.78
C ASP B 262 -2.47 4.85 -8.34
N HIS B 263 -1.38 4.12 -8.14
CA HIS B 263 -0.77 3.98 -6.82
C HIS B 263 0.69 4.43 -6.87
N ILE B 264 1.08 5.02 -7.98
CA ILE B 264 2.45 5.49 -8.15
C ILE B 264 2.69 6.81 -7.42
N ASN B 265 3.80 6.87 -6.69
CA ASN B 265 4.18 8.05 -5.94
C ASN B 265 5.59 8.44 -6.39
N PRO B 266 5.68 9.36 -7.35
CA PRO B 266 6.96 9.83 -7.90
C PRO B 266 7.93 10.36 -6.86
N ASN B 267 7.40 10.96 -5.80
CA ASN B 267 8.24 11.51 -4.73
C ASN B 267 8.90 10.41 -3.92
N CYS B 268 8.26 9.24 -3.84
CA CYS B 268 8.80 8.12 -3.07
C CYS B 268 9.37 7.00 -3.93
N HIS B 269 8.80 6.78 -5.12
CA HIS B 269 9.30 5.74 -6.00
C HIS B 269 10.30 6.34 -6.98
N GLY B 270 11.58 6.06 -6.76
CA GLY B 270 12.60 6.59 -7.65
C GLY B 270 12.25 6.33 -9.10
N ARG B 271 11.87 5.10 -9.40
CA ARG B 271 11.49 4.72 -10.76
C ARG B 271 10.08 4.14 -10.73
N TRP B 272 9.31 4.40 -11.77
CA TRP B 272 7.93 3.95 -11.80
C TRP B 272 7.35 3.86 -13.21
N LEU B 273 6.18 3.23 -13.29
CA LEU B 273 5.46 3.09 -14.55
C LEU B 273 4.00 2.90 -14.17
N LYS B 274 3.10 3.64 -14.81
CA LYS B 274 1.70 3.51 -14.49
C LYS B 274 0.81 3.68 -15.70
N ALA B 275 -0.28 2.89 -15.74
CA ALA B 275 -1.23 2.98 -16.83
C ALA B 275 -2.05 4.23 -16.55
N THR B 276 -2.31 5.03 -17.59
CA THR B 276 -3.09 6.24 -17.42
C THR B 276 -4.50 6.07 -17.97
N GLU B 277 -4.62 5.22 -18.98
CA GLU B 277 -5.90 4.93 -19.60
C GLU B 277 -5.88 3.55 -20.24
N VAL B 278 -6.95 2.80 -20.03
CA VAL B 278 -7.05 1.46 -20.59
C VAL B 278 -8.43 1.23 -21.20
N ASN B 279 -8.47 0.80 -22.45
CA ASN B 279 -9.72 0.53 -23.14
C ASN B 279 -9.72 -0.91 -23.66
N TYR B 280 -10.63 -1.73 -23.14
CA TYR B 280 -10.71 -3.13 -23.54
C TYR B 280 -11.71 -3.35 -24.67
N HIS B 281 -11.27 -4.11 -25.69
CA HIS B 281 -12.12 -4.43 -26.83
C HIS B 281 -12.00 -5.89 -27.28
N ASP B 282 -11.58 -6.11 -28.53
CA ASP B 282 -11.42 -7.46 -29.10
C ASP B 282 -10.46 -8.31 -28.27
N SER B 283 -10.96 -8.87 -27.18
CA SER B 283 -10.17 -9.67 -26.25
C SER B 283 -8.77 -9.08 -26.14
N GLY B 284 -8.68 -7.77 -26.33
CA GLY B 284 -7.42 -7.07 -26.25
C GLY B 284 -7.61 -5.81 -25.43
N ALA B 285 -6.63 -4.92 -25.45
CA ALA B 285 -6.72 -3.69 -24.68
C ALA B 285 -5.73 -2.63 -25.18
N THR B 286 -6.19 -1.38 -25.22
CA THR B 286 -5.34 -0.28 -25.64
C THR B 286 -4.84 0.32 -24.33
N ILE B 287 -3.53 0.37 -24.15
CA ILE B 287 -2.96 0.88 -22.91
C ILE B 287 -2.10 2.12 -23.04
N ARG B 288 -2.54 3.21 -22.42
CA ARG B 288 -1.78 4.44 -22.41
C ARG B 288 -1.06 4.47 -21.06
N PHE B 289 0.22 4.82 -21.07
CA PHE B 289 0.99 4.86 -19.84
C PHE B 289 2.05 5.95 -19.82
N SER B 290 2.60 6.18 -18.63
CA SER B 290 3.65 7.17 -18.42
C SER B 290 4.67 6.52 -17.47
N SER B 291 5.94 6.91 -17.58
CA SER B 291 6.95 6.32 -16.72
C SER B 291 8.21 7.17 -16.61
N SER B 292 9.16 6.68 -15.81
CA SER B 292 10.44 7.35 -15.60
C SER B 292 11.24 7.33 -16.90
N TRP B 293 10.82 6.50 -17.85
CA TRP B 293 11.51 6.38 -19.13
C TRP B 293 10.77 7.10 -20.24
N GLY B 294 9.56 7.58 -19.93
CA GLY B 294 8.78 8.28 -20.94
C GLY B 294 7.38 7.73 -21.10
N ASP B 295 6.57 8.42 -21.90
CA ASP B 295 5.19 8.02 -22.13
C ASP B 295 5.07 7.15 -23.38
N GLY B 296 3.88 6.59 -23.59
CA GLY B 296 3.68 5.74 -24.75
C GLY B 296 2.33 5.05 -24.73
N GLU B 297 2.03 4.31 -25.79
CA GLU B 297 0.76 3.61 -25.89
C GLU B 297 0.97 2.21 -26.48
N ILE B 298 0.42 1.22 -25.80
CA ILE B 298 0.56 -0.16 -26.25
C ILE B 298 -0.77 -0.77 -26.66
N GLU B 299 -0.73 -1.53 -27.76
CA GLU B 299 -1.91 -2.22 -28.24
C GLU B 299 -1.68 -3.68 -27.86
N SER B 300 -2.37 -4.14 -26.84
CA SER B 300 -2.21 -5.51 -26.36
C SER B 300 -3.27 -6.50 -26.84
N HIS B 301 -2.86 -7.73 -27.12
CA HIS B 301 -3.79 -8.75 -27.58
C HIS B 301 -4.24 -9.66 -26.44
N LEU B 302 -3.80 -9.36 -25.22
CA LEU B 302 -4.22 -10.15 -24.06
C LEU B 302 -5.52 -9.56 -23.53
N GLY B 304 -8.43 -8.78 -20.47
CA GLY B 304 -8.60 -8.50 -19.06
C GLY B 304 -7.62 -7.57 -18.39
N ALA B 305 -8.06 -6.98 -17.28
CA ALA B 305 -7.25 -6.06 -16.49
C ALA B 305 -6.05 -6.77 -15.88
N PHE B 306 -6.26 -8.03 -15.51
CA PHE B 306 -5.19 -8.85 -14.91
C PHE B 306 -4.00 -8.94 -15.87
N ASN B 307 -4.27 -9.13 -17.15
CA ASN B 307 -3.20 -9.22 -18.13
C ASN B 307 -2.59 -7.86 -18.45
N VAL B 308 -3.28 -6.79 -18.08
CA VAL B 308 -2.73 -5.45 -18.30
C VAL B 308 -1.63 -5.32 -17.27
N SER B 309 -1.91 -5.79 -16.05
CA SER B 309 -0.95 -5.74 -14.97
C SER B 309 0.30 -6.57 -15.29
N ASN B 310 0.10 -7.80 -15.79
CA ASN B 310 1.23 -8.65 -16.13
C ASN B 310 2.09 -8.04 -17.23
N LEU B 311 1.45 -7.43 -18.22
CA LEU B 311 2.18 -6.81 -19.32
C LEU B 311 3.01 -5.62 -18.85
N LEU B 312 2.44 -4.82 -17.95
CA LEU B 312 3.15 -3.65 -17.43
C LEU B 312 4.33 -4.05 -16.55
N LEU B 313 4.19 -5.15 -15.81
CA LEU B 313 5.29 -5.61 -14.97
C LEU B 313 6.43 -6.06 -15.88
N ALA B 314 6.09 -6.70 -17.00
CA ALA B 314 7.12 -7.15 -17.93
C ALA B 314 7.81 -5.94 -18.55
N LEU B 315 7.02 -4.95 -18.94
CA LEU B 315 7.55 -3.72 -19.56
C LEU B 315 8.50 -2.99 -18.61
N ALA B 316 8.07 -2.77 -17.37
CA ALA B 316 8.92 -2.08 -16.40
C ALA B 316 10.24 -2.83 -16.20
N THR B 317 10.14 -4.16 -16.12
CA THR B 317 11.32 -4.99 -15.92
C THR B 317 12.34 -4.80 -17.05
N LEU B 318 11.86 -4.86 -18.29
CA LEU B 318 12.75 -4.72 -19.44
C LEU B 318 13.36 -3.31 -19.51
N LEU B 319 12.58 -2.30 -19.12
CA LEU B 319 13.08 -0.92 -19.13
C LEU B 319 14.17 -0.79 -18.07
N ALA B 320 13.95 -1.39 -16.90
CA ALA B 320 14.93 -1.34 -15.82
C ALA B 320 16.21 -2.08 -16.22
N LEU B 321 16.07 -3.06 -17.09
CA LEU B 321 17.21 -3.85 -17.55
C LEU B 321 17.99 -3.18 -18.70
N GLY B 322 17.57 -1.99 -19.10
CA GLY B 322 18.29 -1.30 -20.17
C GLY B 322 17.72 -1.35 -21.58
N TYR B 323 16.62 -2.06 -21.79
CA TYR B 323 16.04 -2.12 -23.14
C TYR B 323 15.34 -0.78 -23.43
N PRO B 324 15.59 -0.19 -24.61
CA PRO B 324 14.98 1.08 -24.99
C PRO B 324 13.47 1.03 -25.18
N LEU B 325 12.78 2.06 -24.69
CA LEU B 325 11.33 2.15 -24.78
C LEU B 325 10.80 2.07 -26.21
N ALA B 326 11.39 2.83 -27.11
CA ALA B 326 10.95 2.84 -28.51
C ALA B 326 10.91 1.44 -29.10
N ASP B 327 11.96 0.65 -28.86
CA ASP B 327 12.03 -0.70 -29.39
C ASP B 327 10.96 -1.63 -28.81
N LEU B 328 10.66 -1.45 -27.53
CA LEU B 328 9.65 -2.24 -26.85
C LEU B 328 8.26 -1.93 -27.40
N LEU B 329 7.98 -0.65 -27.61
CA LEU B 329 6.68 -0.23 -28.14
C LEU B 329 6.44 -0.81 -29.52
N LYS B 330 7.45 -0.78 -30.37
CA LYS B 330 7.35 -1.30 -31.73
C LYS B 330 6.97 -2.78 -31.76
N THR B 331 7.45 -3.55 -30.79
CA THR B 331 7.20 -4.98 -30.76
C THR B 331 6.07 -5.47 -29.85
N ALA B 332 5.54 -4.60 -29.00
CA ALA B 332 4.48 -5.00 -28.08
C ALA B 332 3.28 -5.65 -28.77
N ALA B 333 3.00 -5.24 -30.00
CA ALA B 333 1.87 -5.77 -30.74
C ALA B 333 2.00 -7.26 -31.08
N ARG B 334 3.21 -7.77 -31.15
CA ARG B 334 3.41 -9.19 -31.47
C ARG B 334 3.41 -10.12 -30.27
N LEU B 335 3.17 -9.58 -29.08
CA LEU B 335 3.13 -10.40 -27.88
C LEU B 335 1.90 -11.31 -27.94
N GLN B 336 2.06 -12.55 -27.51
CA GLN B 336 0.97 -13.53 -27.55
C GLN B 336 0.57 -14.03 -26.17
N PRO B 337 -0.72 -14.35 -25.98
CA PRO B 337 -1.21 -14.86 -24.70
C PRO B 337 -0.66 -16.27 -24.48
N VAL B 338 -0.72 -16.75 -23.24
CA VAL B 338 -0.22 -18.07 -22.90
C VAL B 338 -1.30 -19.14 -22.80
N CYS B 339 -0.93 -20.36 -23.17
CA CYS B 339 -1.85 -21.49 -23.14
C CYS B 339 -2.57 -21.67 -21.80
N GLY B 340 -3.88 -21.87 -21.89
CA GLY B 340 -4.72 -22.10 -20.72
C GLY B 340 -4.98 -20.88 -19.87
N ARG B 341 -4.68 -19.71 -20.41
CA ARG B 341 -4.91 -18.48 -19.69
C ARG B 341 -5.75 -17.52 -20.51
N GLU B 343 -8.15 -18.21 -22.45
CA GLU B 343 -8.21 -18.74 -23.81
C GLU B 343 -9.67 -18.73 -24.27
N VAL B 344 -9.95 -17.92 -25.29
CA VAL B 344 -11.30 -17.75 -25.83
C VAL B 344 -11.64 -18.59 -27.05
N PHE B 345 -12.66 -19.45 -26.92
CA PHE B 345 -13.11 -20.29 -28.03
C PHE B 345 -14.45 -19.74 -28.52
N THR B 346 -14.53 -19.37 -29.79
CA THR B 346 -15.74 -18.83 -30.38
C THR B 346 -16.15 -19.59 -31.63
N ALA B 347 -17.41 -20.03 -31.68
CA ALA B 347 -17.92 -20.78 -32.83
C ALA B 347 -19.41 -20.50 -33.04
N PRO B 348 -19.84 -20.44 -34.30
CA PRO B 348 -21.26 -20.16 -34.59
C PRO B 348 -22.22 -21.20 -34.02
N GLY B 349 -23.34 -20.70 -33.48
CA GLY B 349 -24.34 -21.58 -32.91
C GLY B 349 -24.07 -22.01 -31.48
N LYS B 350 -22.87 -21.72 -30.99
CA LYS B 350 -22.49 -22.09 -29.64
C LYS B 350 -22.06 -20.89 -28.80
N PRO B 351 -22.10 -21.03 -27.47
CA PRO B 351 -21.69 -19.93 -26.59
C PRO B 351 -20.20 -19.75 -26.65
N THR B 352 -19.72 -18.58 -26.26
CA THR B 352 -18.27 -18.33 -26.23
C THR B 352 -17.76 -19.00 -24.97
N VAL B 353 -16.69 -19.77 -25.09
CA VAL B 353 -16.12 -20.47 -23.95
C VAL B 353 -14.73 -19.93 -23.65
N VAL B 354 -14.47 -19.69 -22.36
CA VAL B 354 -13.17 -19.18 -21.93
C VAL B 354 -12.53 -20.14 -20.95
N VAL B 355 -11.35 -20.63 -21.29
CA VAL B 355 -10.64 -21.53 -20.40
C VAL B 355 -9.58 -20.71 -19.67
N ASP B 356 -9.59 -20.77 -18.34
CA ASP B 356 -8.59 -20.03 -17.56
C ASP B 356 -8.12 -20.87 -16.38
N TYR B 357 -6.87 -20.61 -15.98
CA TYR B 357 -6.21 -21.31 -14.88
C TYR B 357 -6.74 -20.94 -13.49
N ALA B 358 -7.37 -19.77 -13.38
CA ALA B 358 -7.91 -19.26 -12.12
C ALA B 358 -8.34 -20.34 -11.14
N HIS B 359 -7.60 -20.47 -10.04
CA HIS B 359 -7.91 -21.47 -9.02
C HIS B 359 -7.82 -20.90 -7.60
N THR B 360 -7.87 -19.57 -7.49
CA THR B 360 -7.83 -18.89 -6.19
C THR B 360 -9.01 -17.93 -6.17
N PRO B 361 -9.46 -17.51 -4.97
CA PRO B 361 -10.60 -16.58 -4.88
C PRO B 361 -10.40 -15.32 -5.71
N ASP B 362 -9.23 -14.70 -5.55
CA ASP B 362 -8.93 -13.46 -6.26
C ASP B 362 -8.84 -13.62 -7.77
N ALA B 363 -8.24 -14.71 -8.23
CA ALA B 363 -8.10 -14.95 -9.67
C ALA B 363 -9.46 -15.22 -10.30
N LEU B 364 -10.30 -15.98 -9.62
CA LEU B 364 -11.62 -16.32 -10.13
C LEU B 364 -12.48 -15.07 -10.30
N GLU B 365 -12.45 -14.18 -9.31
CA GLU B 365 -13.23 -12.96 -9.40
C GLU B 365 -12.79 -12.12 -10.58
N LYS B 366 -11.49 -11.99 -10.77
CA LYS B 366 -10.98 -11.19 -11.89
C LYS B 366 -11.34 -11.82 -13.25
N ALA B 367 -11.33 -13.14 -13.30
CA ALA B 367 -11.65 -13.84 -14.55
C ALA B 367 -13.11 -13.62 -14.93
N LEU B 368 -14.00 -13.73 -13.93
CA LEU B 368 -15.42 -13.54 -14.17
C LEU B 368 -15.75 -12.10 -14.57
N GLN B 369 -15.14 -11.12 -13.89
CA GLN B 369 -15.37 -9.72 -14.21
C GLN B 369 -14.93 -9.44 -15.64
N ALA B 370 -13.87 -10.11 -16.07
CA ALA B 370 -13.37 -9.92 -17.43
C ALA B 370 -14.26 -10.65 -18.44
N ALA B 371 -14.76 -11.82 -18.05
CA ALA B 371 -15.61 -12.61 -18.93
C ALA B 371 -16.96 -11.93 -19.15
N ARG B 372 -17.47 -11.23 -18.15
CA ARG B 372 -18.76 -10.57 -18.29
C ARG B 372 -18.77 -9.34 -19.18
N LEU B 373 -17.64 -8.63 -19.26
CA LEU B 373 -17.56 -7.45 -20.12
C LEU B 373 -17.79 -7.87 -21.56
N HIS B 374 -17.40 -9.10 -21.85
CA HIS B 374 -17.51 -9.70 -23.18
C HIS B 374 -18.69 -10.69 -23.19
N CYS B 375 -19.67 -10.42 -22.35
CA CYS B 375 -20.84 -11.29 -22.24
C CYS B 375 -22.18 -10.54 -22.36
N ALA B 376 -22.86 -10.71 -23.48
CA ALA B 376 -24.13 -10.05 -23.72
C ALA B 376 -25.31 -10.82 -23.12
N GLY B 377 -25.11 -12.12 -22.92
CA GLY B 377 -26.17 -12.94 -22.35
C GLY B 377 -25.87 -13.33 -20.91
N LYS B 378 -25.99 -14.62 -20.61
CA LYS B 378 -25.74 -15.13 -19.27
C LYS B 378 -24.32 -15.68 -19.11
N LEU B 379 -23.72 -15.41 -17.95
CA LEU B 379 -22.36 -15.87 -17.67
C LEU B 379 -22.39 -17.12 -16.80
N TRP B 380 -21.82 -18.20 -17.33
CA TRP B 380 -21.76 -19.48 -16.63
C TRP B 380 -20.35 -19.67 -16.07
N CYS B 381 -20.24 -20.33 -14.92
CA CYS B 381 -18.96 -20.57 -14.30
C CYS B 381 -18.87 -22.04 -13.91
N VAL B 382 -17.97 -22.76 -14.57
CA VAL B 382 -17.76 -24.19 -14.28
C VAL B 382 -16.44 -24.27 -13.53
N PHE B 383 -16.48 -24.74 -12.30
CA PHE B 383 -15.26 -24.84 -11.51
C PHE B 383 -15.36 -25.83 -10.37
N GLY B 384 -14.22 -26.07 -9.74
CA GLY B 384 -14.13 -26.97 -8.61
C GLY B 384 -12.89 -26.55 -7.83
N CYS B 385 -12.52 -27.32 -6.82
CA CYS B 385 -11.34 -26.99 -6.04
C CYS B 385 -10.48 -28.24 -5.87
N GLY B 386 -9.18 -28.06 -5.85
CA GLY B 386 -8.28 -29.19 -5.69
C GLY B 386 -8.36 -29.85 -4.33
N GLY B 387 -8.29 -31.17 -4.32
CA GLY B 387 -8.32 -31.90 -3.07
C GLY B 387 -6.96 -31.86 -2.42
N ASP B 388 -6.93 -32.10 -1.11
CA ASP B 388 -5.68 -32.09 -0.35
C ASP B 388 -4.95 -30.75 -0.44
N ARG B 389 -5.71 -29.67 -0.37
CA ARG B 389 -5.11 -28.33 -0.41
C ARG B 389 -5.90 -27.32 0.40
N ASP B 390 -5.55 -26.04 0.24
CA ASP B 390 -6.20 -24.95 0.96
C ASP B 390 -7.72 -25.13 1.03
N LYS B 391 -8.21 -25.69 2.14
CA LYS B 391 -9.64 -25.92 2.30
C LYS B 391 -10.44 -24.65 2.57
N GLY B 392 -9.80 -23.67 3.20
CA GLY B 392 -10.47 -22.43 3.52
C GLY B 392 -10.87 -21.60 2.32
N LYS B 393 -10.19 -21.78 1.18
CA LYS B 393 -10.54 -20.99 0.01
C LYS B 393 -11.77 -21.52 -0.71
N ARG B 394 -12.22 -22.71 -0.33
CA ARG B 394 -13.41 -23.31 -0.96
C ARG B 394 -14.66 -22.45 -0.81
N PRO B 395 -15.00 -22.04 0.44
CA PRO B 395 -16.19 -21.21 0.65
C PRO B 395 -16.08 -19.88 -0.05
N LEU B 396 -14.87 -19.32 -0.06
CA LEU B 396 -14.63 -18.03 -0.68
C LEU B 396 -14.86 -18.07 -2.19
N GLY B 398 -16.87 -20.34 -3.66
CA GLY B 398 -18.28 -20.62 -3.87
C GLY B 398 -19.05 -19.31 -3.82
N ALA B 399 -18.72 -18.47 -2.84
CA ALA B 399 -19.38 -17.18 -2.69
C ALA B 399 -19.13 -16.29 -3.91
N ILE B 400 -17.89 -16.32 -4.42
CA ILE B 400 -17.50 -15.53 -5.58
C ILE B 400 -18.24 -15.95 -6.85
N ALA B 401 -18.29 -17.25 -7.11
CA ALA B 401 -18.97 -17.75 -8.30
C ALA B 401 -20.43 -17.30 -8.27
N GLU B 402 -21.02 -17.40 -7.09
CA GLU B 402 -22.41 -17.02 -6.88
C GLU B 402 -22.67 -15.54 -7.18
N GLU B 403 -21.79 -14.68 -6.68
CA GLU B 403 -21.95 -13.23 -6.87
C GLU B 403 -21.66 -12.70 -8.28
N PHE B 404 -20.57 -13.16 -8.89
CA PHE B 404 -20.19 -12.67 -10.21
C PHE B 404 -20.64 -13.48 -11.42
N ALA B 405 -21.28 -14.62 -11.20
CA ALA B 405 -21.76 -15.44 -12.31
C ALA B 405 -23.26 -15.63 -12.21
N ASP B 406 -23.90 -15.78 -13.37
CA ASP B 406 -25.35 -15.97 -13.43
C ASP B 406 -25.71 -17.43 -13.12
N VAL B 407 -24.86 -18.35 -13.55
CA VAL B 407 -25.08 -19.78 -13.32
C VAL B 407 -23.79 -20.40 -12.80
N ALA B 408 -23.84 -21.00 -11.62
CA ALA B 408 -22.66 -21.63 -11.04
C ALA B 408 -22.70 -23.14 -11.18
N VAL B 409 -21.71 -23.68 -11.88
CA VAL B 409 -21.62 -25.13 -12.07
C VAL B 409 -20.45 -25.66 -11.27
N VAL B 410 -20.75 -26.30 -10.14
CA VAL B 410 -19.71 -26.84 -9.26
C VAL B 410 -19.42 -28.30 -9.61
N THR B 411 -18.16 -28.59 -9.87
CA THR B 411 -17.75 -29.95 -10.23
C THR B 411 -16.38 -30.25 -9.63
N ASP B 412 -15.74 -31.32 -10.11
CA ASP B 412 -14.42 -31.72 -9.64
C ASP B 412 -13.30 -30.95 -10.34
N ASP B 413 -12.12 -30.95 -9.71
CA ASP B 413 -10.93 -30.31 -10.24
C ASP B 413 -9.95 -31.47 -10.15
N ASN B 414 -8.99 -31.39 -9.24
CA ASN B 414 -8.06 -32.48 -9.01
C ASN B 414 -8.35 -32.96 -7.59
N PRO B 415 -9.32 -33.88 -7.45
CA PRO B 415 -9.76 -34.45 -6.17
C PRO B 415 -8.66 -35.10 -5.35
N ARG B 416 -7.65 -35.63 -6.03
CA ARG B 416 -6.55 -36.32 -5.38
C ARG B 416 -7.11 -37.39 -4.42
N THR B 417 -6.68 -37.39 -3.17
CA THR B 417 -7.17 -38.40 -2.24
C THR B 417 -8.38 -38.02 -1.39
N GLU B 418 -8.90 -36.80 -1.57
CA GLU B 418 -10.06 -36.35 -0.81
C GLU B 418 -11.37 -36.78 -1.49
N GLU B 419 -12.40 -37.02 -0.69
CA GLU B 419 -13.70 -37.41 -1.22
C GLU B 419 -14.18 -36.24 -2.09
N PRO B 420 -14.53 -36.52 -3.35
CA PRO B 420 -15.00 -35.50 -4.28
C PRO B 420 -16.13 -34.59 -3.80
N ARG B 421 -17.21 -35.20 -3.29
CA ARG B 421 -18.34 -34.39 -2.84
C ARG B 421 -18.07 -33.62 -1.55
N ALA B 422 -17.10 -34.09 -0.76
CA ALA B 422 -16.74 -33.40 0.47
C ALA B 422 -16.21 -32.02 0.05
N ILE B 423 -15.42 -32.03 -1.02
CA ILE B 423 -14.85 -30.81 -1.54
C ILE B 423 -15.98 -29.91 -2.03
N ILE B 424 -16.90 -30.51 -2.78
CA ILE B 424 -18.04 -29.76 -3.33
C ILE B 424 -18.88 -29.13 -2.22
N ASN B 425 -19.11 -29.86 -1.15
CA ASN B 425 -19.92 -29.34 -0.04
C ASN B 425 -19.29 -28.13 0.62
N ASP B 426 -17.96 -28.11 0.69
CA ASP B 426 -17.24 -26.98 1.30
C ASP B 426 -17.42 -25.74 0.43
N ILE B 427 -17.53 -25.95 -0.87
CA ILE B 427 -17.71 -24.84 -1.80
C ILE B 427 -19.13 -24.26 -1.65
N LEU B 428 -20.13 -25.13 -1.64
CA LEU B 428 -21.51 -24.69 -1.51
C LEU B 428 -21.76 -24.02 -0.16
N ALA B 429 -21.06 -24.48 0.87
CA ALA B 429 -21.20 -23.92 2.21
C ALA B 429 -20.87 -22.43 2.26
N GLY B 430 -20.31 -21.91 1.17
CA GLY B 430 -19.97 -20.50 1.14
C GLY B 430 -20.96 -19.63 0.39
N LEU B 432 -24.98 -18.23 -0.57
CA LEU B 432 -26.19 -17.85 0.15
C LEU B 432 -27.27 -18.90 -0.14
N ASP B 433 -27.48 -19.17 -1.41
CA ASP B 433 -28.47 -20.16 -1.83
C ASP B 433 -27.79 -21.34 -2.50
N ALA B 434 -27.16 -22.20 -1.70
CA ALA B 434 -26.45 -23.37 -2.20
C ALA B 434 -27.37 -24.30 -2.98
N GLY B 435 -28.64 -23.93 -3.11
CA GLY B 435 -29.58 -24.78 -3.83
C GLY B 435 -29.76 -24.38 -5.28
N HIS B 436 -29.40 -23.13 -5.60
CA HIS B 436 -29.53 -22.62 -6.96
C HIS B 436 -28.33 -23.01 -7.84
N ALA B 437 -27.29 -23.55 -7.21
CA ALA B 437 -26.09 -23.95 -7.93
C ALA B 437 -26.22 -25.33 -8.55
N LYS B 438 -25.68 -25.48 -9.76
CA LYS B 438 -25.70 -26.75 -10.48
C LYS B 438 -24.52 -27.61 -10.04
N VAL B 439 -24.80 -28.69 -9.35
CA VAL B 439 -23.76 -29.59 -8.87
C VAL B 439 -23.69 -30.85 -9.72
N GLU B 441 -20.78 -34.08 -10.33
CA GLU B 441 -19.49 -34.77 -10.23
C GLU B 441 -19.17 -35.28 -11.64
N GLY B 442 -17.91 -35.18 -12.04
CA GLY B 442 -17.53 -35.60 -13.37
C GLY B 442 -17.28 -34.33 -14.15
N ARG B 443 -16.04 -33.86 -14.12
CA ARG B 443 -15.70 -32.62 -14.81
C ARG B 443 -16.03 -32.61 -16.30
N ALA B 444 -15.63 -33.66 -17.01
CA ALA B 444 -15.89 -33.74 -18.44
C ALA B 444 -17.38 -33.60 -18.71
N GLU B 445 -18.18 -34.30 -17.90
CA GLU B 445 -19.63 -34.27 -18.04
C GLU B 445 -20.18 -32.89 -17.70
N ALA B 446 -19.64 -32.26 -16.66
CA ALA B 446 -20.09 -30.93 -16.24
C ALA B 446 -19.81 -29.89 -17.30
N VAL B 447 -18.58 -29.88 -17.82
CA VAL B 447 -18.19 -28.93 -18.86
C VAL B 447 -19.08 -29.13 -20.08
N THR B 448 -19.32 -30.39 -20.44
CA THR B 448 -20.16 -30.70 -21.60
C THR B 448 -21.60 -30.20 -21.41
N CYS B 449 -22.21 -30.54 -20.28
CA CYS B 449 -23.58 -30.11 -20.01
C CYS B 449 -23.68 -28.59 -20.07
N ALA B 450 -22.73 -27.92 -19.43
CA ALA B 450 -22.72 -26.46 -19.40
C ALA B 450 -22.67 -25.85 -20.81
N VAL B 451 -21.71 -26.30 -21.61
CA VAL B 451 -21.56 -25.79 -22.97
C VAL B 451 -22.75 -26.17 -23.84
N GLN B 453 -25.93 -26.71 -22.68
CA GLN B 453 -27.11 -26.02 -22.18
C GLN B 453 -27.10 -24.50 -22.41
N ALA B 454 -25.92 -23.90 -22.36
CA ALA B 454 -25.78 -22.46 -22.55
C ALA B 454 -26.19 -22.02 -23.97
N LYS B 455 -26.75 -20.82 -24.07
CA LYS B 455 -27.19 -20.27 -25.36
C LYS B 455 -26.03 -19.62 -26.11
N GLU B 456 -26.26 -19.28 -27.37
CA GLU B 456 -25.23 -18.68 -28.21
C GLU B 456 -24.67 -17.33 -27.74
N ASN B 457 -25.50 -16.55 -27.05
CA ASN B 457 -25.06 -15.24 -26.56
C ASN B 457 -24.45 -15.32 -25.16
N ASP B 458 -24.43 -16.52 -24.59
CA ASP B 458 -23.86 -16.72 -23.26
C ASP B 458 -22.35 -16.94 -23.32
N VAL B 459 -21.70 -16.83 -22.16
CA VAL B 459 -20.27 -17.06 -22.06
C VAL B 459 -20.10 -18.08 -20.94
N VAL B 460 -19.25 -19.08 -21.18
CA VAL B 460 -19.01 -20.11 -20.18
C VAL B 460 -17.54 -20.08 -19.78
N LEU B 461 -17.28 -19.80 -18.51
CA LEU B 461 -15.90 -19.78 -18.01
C LEU B 461 -15.61 -21.13 -17.36
N VAL B 462 -14.58 -21.81 -17.87
CA VAL B 462 -14.16 -23.09 -17.34
C VAL B 462 -12.84 -22.80 -16.63
N ALA B 463 -12.90 -22.74 -15.30
CA ALA B 463 -11.72 -22.37 -14.53
C ALA B 463 -11.11 -23.44 -13.65
N GLY B 464 -9.85 -23.23 -13.31
CA GLY B 464 -9.17 -24.14 -12.41
C GLY B 464 -8.05 -25.00 -12.98
N LYS B 465 -8.15 -25.39 -14.25
CA LYS B 465 -7.12 -26.24 -14.82
C LYS B 465 -6.20 -25.62 -15.85
N GLY B 466 -6.68 -24.60 -16.55
CA GLY B 466 -5.87 -23.95 -17.55
C GLY B 466 -5.24 -24.85 -18.60
N HIS B 467 -3.91 -24.96 -18.54
CA HIS B 467 -3.14 -25.75 -19.49
C HIS B 467 -3.08 -27.25 -19.17
N GLU B 468 -3.40 -27.62 -17.94
CA GLU B 468 -3.35 -29.02 -17.51
C GLU B 468 -4.00 -30.01 -18.49
N ASP B 469 -3.31 -31.10 -18.77
CA ASP B 469 -3.87 -32.11 -19.68
C ASP B 469 -3.97 -33.44 -18.94
N TYR B 470 -4.10 -33.35 -17.63
CA TYR B 470 -4.25 -34.51 -16.77
C TYR B 470 -5.20 -34.15 -15.64
N GLN B 471 -5.68 -35.17 -14.94
CA GLN B 471 -6.57 -34.98 -13.81
C GLN B 471 -6.15 -35.99 -12.75
N ILE B 472 -5.86 -35.51 -11.55
CA ILE B 472 -5.41 -36.38 -10.46
C ILE B 472 -6.57 -36.89 -9.60
N VAL B 473 -6.84 -38.19 -9.71
CA VAL B 473 -7.89 -38.84 -8.95
C VAL B 473 -7.19 -39.94 -8.18
N GLY B 474 -7.29 -39.91 -6.85
CA GLY B 474 -6.61 -40.90 -6.04
C GLY B 474 -5.14 -40.59 -6.25
N ASN B 475 -4.34 -41.58 -6.63
CA ASN B 475 -2.93 -41.34 -6.88
C ASN B 475 -2.65 -41.48 -8.38
N GLN B 476 -3.70 -41.63 -9.17
CA GLN B 476 -3.55 -41.79 -10.61
C GLN B 476 -3.65 -40.47 -11.39
N ARG B 477 -2.83 -40.34 -12.42
CA ARG B 477 -2.81 -39.16 -13.29
C ARG B 477 -3.59 -39.57 -14.53
N LEU B 478 -4.87 -39.23 -14.55
CA LEU B 478 -5.72 -39.58 -15.69
C LEU B 478 -5.61 -38.56 -16.80
N ASP B 479 -5.79 -39.02 -18.03
CA ASP B 479 -5.73 -38.15 -19.20
C ASP B 479 -7.04 -37.37 -19.32
N TYR B 480 -6.93 -36.05 -19.23
CA TYR B 480 -8.10 -35.17 -19.36
C TYR B 480 -7.68 -33.72 -19.53
N SER B 481 -8.31 -33.04 -20.47
CA SER B 481 -8.00 -31.65 -20.74
C SER B 481 -9.25 -30.80 -21.04
N ASP B 482 -9.39 -29.68 -20.33
CA ASP B 482 -10.52 -28.77 -20.55
C ASP B 482 -10.40 -28.21 -21.96
N ARG B 483 -9.19 -27.85 -22.35
CA ARG B 483 -8.94 -27.25 -23.66
C ARG B 483 -9.36 -28.18 -24.80
N VAL B 484 -9.01 -29.45 -24.70
CA VAL B 484 -9.37 -30.41 -25.73
C VAL B 484 -10.87 -30.67 -25.70
N THR B 485 -11.43 -30.80 -24.49
CA THR B 485 -12.85 -31.05 -24.35
C THR B 485 -13.63 -29.91 -24.99
N VAL B 486 -13.25 -28.68 -24.66
CA VAL B 486 -13.92 -27.51 -25.21
C VAL B 486 -13.73 -27.40 -26.73
N ALA B 487 -12.50 -27.56 -27.19
CA ALA B 487 -12.22 -27.46 -28.63
C ALA B 487 -13.05 -28.47 -29.42
N ARG B 488 -13.15 -29.70 -28.93
CA ARG B 488 -13.93 -30.71 -29.62
C ARG B 488 -15.41 -30.35 -29.66
N LEU B 489 -15.93 -29.82 -28.55
CA LEU B 489 -17.34 -29.45 -28.49
C LEU B 489 -17.70 -28.31 -29.45
N LEU B 490 -16.83 -27.31 -29.57
CA LEU B 490 -17.09 -26.18 -30.46
C LEU B 490 -16.57 -26.38 -31.89
N GLY B 491 -15.65 -27.31 -32.05
CA GLY B 491 -15.09 -27.58 -33.37
C GLY B 491 -14.09 -26.54 -33.86
N VAL B 492 -13.44 -25.84 -32.94
CA VAL B 492 -12.46 -24.82 -33.30
C VAL B 492 -11.45 -24.61 -32.17
N ILE B 493 -10.28 -24.07 -32.51
CA ILE B 493 -9.28 -23.77 -31.49
C ILE B 493 -9.54 -22.33 -31.07
N ALA B 494 -8.87 -21.88 -30.02
CA ALA B 494 -9.04 -20.52 -29.52
C ALA B 494 -8.42 -19.51 -30.46
N ARG B 495 -9.25 -18.61 -30.99
CA ARG B 495 -8.79 -17.57 -31.90
C ARG B 495 -7.85 -16.59 -31.20
N SER B 496 -8.03 -16.44 -29.89
CA SER B 496 -7.19 -15.53 -29.10
C SER B 496 -5.71 -15.92 -29.06
N HIS B 497 -5.43 -17.22 -29.08
CA HIS B 497 -4.06 -17.70 -29.02
C HIS B 497 -3.43 -18.07 -30.36
N HIS B 498 -2.14 -17.79 -30.49
CA HIS B 498 -1.37 -18.05 -31.71
C HIS B 498 -2.00 -17.46 -32.98
#